data_3PA2
#
_entry.id   3PA2
#
_cell.length_a   65.271
_cell.length_b   79.130
_cell.length_c   69.069
_cell.angle_alpha   90.00
_cell.angle_beta   100.27
_cell.angle_gamma   90.00
#
_symmetry.space_group_name_H-M   'P 1 21 1'
#
loop_
_entity.id
_entity.type
_entity.pdbx_description
1 polymer 'Capsid protein'
2 branched alpha-L-fucopyranose-(1-2)-beta-D-galactopyranose-(1-4)-[alpha-L-fucopyranose-(1-3)]2-acetamido-2-deoxy-beta-D-glucopyranose
3 non-polymer 1,2-ETHANEDIOL
4 non-polymer IMIDAZOLE
5 water water
#
_entity_poly.entity_id   1
_entity_poly.type   'polypeptide(L)'
_entity_poly.pdbx_seq_one_letter_code
;GPGSSKPFTLPILTLGELTNSRFPLPIDVLYTNPNESAIVQCQNGRCTLDGELQGTTQLLPTGICAFRGKVTQQVQDEHR
GTHWNMTVTNLNGTPFDPTEDVPAPLGTPDFSGQIYGVISQRNTNTVPGEGNLPANRAHEAVIATYSPKFTPKLGNIQFS
TWETQDVSSGQPTKFTPVGLASVDANSHFDQWTLPSYSGALTLNMNLAPSVAPVFPGECLLFFRSFIPLKGGYGNPAIDC
LMPQEWVQHLYQESAPSLSDVALVRYVNPETGRTLFEAKLHRNGFLTVARNSAGPVVAPTNGYFRFDSWVNQFYTLAPM
;
_entity_poly.pdbx_strand_id   A,B
#
loop_
_chem_comp.id
_chem_comp.type
_chem_comp.name
_chem_comp.formula
EDO non-polymer 1,2-ETHANEDIOL 'C2 H6 O2'
FUC L-saccharide, alpha linking alpha-L-fucopyranose 'C6 H12 O5'
GAL D-saccharide, beta linking beta-D-galactopyranose 'C6 H12 O6'
IMD non-polymer IMIDAZOLE 'C3 H5 N2 1'
NAG D-saccharide, beta linking 2-acetamido-2-deoxy-beta-D-glucopyranose 'C8 H15 N O6'
#
# COMPACT_ATOMS: atom_id res chain seq x y z
N SER A 5 -0.42 -2.85 -33.37
CA SER A 5 -0.21 -3.21 -31.97
C SER A 5 0.00 -1.98 -31.10
N LYS A 6 -0.66 -1.95 -29.94
CA LYS A 6 -0.47 -0.87 -28.98
C LYS A 6 0.97 -0.81 -28.52
N PRO A 7 1.58 0.40 -28.58
CA PRO A 7 2.98 0.58 -28.17
C PRO A 7 3.23 0.16 -26.74
N PHE A 8 4.33 -0.56 -26.51
CA PHE A 8 4.71 -0.91 -25.15
C PHE A 8 5.25 0.32 -24.43
N THR A 9 4.95 0.44 -23.14
CA THR A 9 5.45 1.55 -22.34
C THR A 9 5.65 1.14 -20.88
N LEU A 10 6.51 1.89 -20.20
CA LEU A 10 6.66 1.80 -18.76
C LEU A 10 6.12 3.07 -18.16
N PRO A 11 5.75 3.04 -16.87
CA PRO A 11 5.37 4.30 -16.22
C PRO A 11 6.60 5.19 -16.08
N ILE A 12 6.36 6.48 -15.88
CA ILE A 12 7.46 7.41 -15.68
C ILE A 12 7.60 7.71 -14.19
N LEU A 13 8.34 6.85 -13.50
CA LEU A 13 8.44 6.94 -12.05
C LEU A 13 9.89 6.82 -11.63
N THR A 14 10.33 7.77 -10.81
CA THR A 14 11.66 7.67 -10.29
C THR A 14 11.68 6.56 -9.28
N LEU A 15 12.88 6.16 -8.90
CA LEU A 15 13.08 5.11 -7.92
C LEU A 15 12.34 5.48 -6.63
N GLY A 16 12.29 6.77 -6.34
CA GLY A 16 11.64 7.24 -5.13
C GLY A 16 10.12 7.35 -5.22
N GLU A 17 9.57 6.93 -6.36
CA GLU A 17 8.13 6.91 -6.56
C GLU A 17 7.64 5.48 -6.80
N LEU A 18 8.48 4.50 -6.48
CA LEU A 18 8.14 3.08 -6.68
C LEU A 18 8.05 2.31 -5.37
N THR A 19 7.24 1.25 -5.39
CA THR A 19 7.15 0.36 -4.24
C THR A 19 7.40 -1.10 -4.61
N ASN A 20 7.79 -1.88 -3.60
CA ASN A 20 8.14 -3.27 -3.79
C ASN A 20 6.89 -4.09 -4.04
N SER A 21 7.00 -5.09 -4.92
CA SER A 21 5.87 -5.94 -5.23
C SER A 21 5.83 -7.21 -4.37
N ARG A 22 6.83 -7.39 -3.49
CA ARG A 22 6.91 -8.61 -2.68
C ARG A 22 6.72 -8.33 -1.19
N PHE A 23 6.77 -7.05 -0.81
CA PHE A 23 6.42 -6.64 0.57
C PHE A 23 6.07 -5.15 0.52
N PRO A 24 5.17 -4.67 1.41
CA PRO A 24 4.74 -3.25 1.34
C PRO A 24 5.80 -2.29 1.84
N LEU A 25 6.75 -2.01 0.94
CA LEU A 25 7.91 -1.18 1.26
C LEU A 25 8.20 -0.31 0.06
N PRO A 26 8.74 0.89 0.28
CA PRO A 26 9.22 1.65 -0.88
C PRO A 26 10.47 0.99 -1.46
N ILE A 27 10.75 1.20 -2.74
CA ILE A 27 12.04 0.78 -3.31
C ILE A 27 13.16 1.70 -2.77
N ASP A 28 14.23 1.09 -2.24
CA ASP A 28 15.33 1.86 -1.68
C ASP A 28 16.50 2.01 -2.65
N VAL A 29 16.81 0.93 -3.37
CA VAL A 29 17.97 0.94 -4.26
C VAL A 29 17.83 -0.15 -5.32
N LEU A 30 18.45 0.05 -6.47
CA LEU A 30 18.62 -1.06 -7.43
C LEU A 30 19.81 -1.91 -6.98
N TYR A 31 19.78 -3.20 -7.29
CA TYR A 31 20.73 -4.11 -6.68
C TYR A 31 21.07 -5.29 -7.59
N THR A 32 22.33 -5.70 -7.60
CA THR A 32 22.71 -6.95 -8.28
C THR A 32 23.43 -7.90 -7.32
N ASN A 33 23.41 -9.18 -7.68
CA ASN A 33 24.16 -10.19 -6.93
C ASN A 33 24.48 -11.37 -7.86
N PRO A 34 25.46 -11.18 -8.76
CA PRO A 34 25.74 -12.16 -9.82
C PRO A 34 26.03 -13.58 -9.34
N ASN A 35 26.59 -13.71 -8.14
CA ASN A 35 27.01 -15.04 -7.67
C ASN A 35 25.96 -15.80 -6.85
N GLU A 36 24.75 -15.26 -6.79
CA GLU A 36 23.62 -15.93 -6.15
C GLU A 36 23.51 -17.39 -6.56
N SER A 37 23.46 -18.28 -5.58
CA SER A 37 23.35 -19.70 -5.87
C SER A 37 21.90 -20.22 -5.91
N ALA A 38 20.98 -19.47 -5.32
CA ALA A 38 19.58 -19.91 -5.29
C ALA A 38 18.89 -19.73 -6.64
N ILE A 39 17.92 -20.59 -6.91
CA ILE A 39 17.00 -20.38 -8.03
C ILE A 39 16.08 -19.23 -7.64
N VAL A 40 15.96 -18.26 -8.54
CA VAL A 40 15.13 -17.08 -8.29
C VAL A 40 13.79 -17.36 -8.91
N GLN A 41 12.76 -17.51 -8.07
CA GLN A 41 11.44 -17.93 -8.52
C GLN A 41 10.38 -17.38 -7.57
N CYS A 42 10.50 -16.09 -7.26
CA CYS A 42 9.48 -15.44 -6.44
C CYS A 42 8.14 -15.46 -7.15
N GLN A 43 7.07 -15.35 -6.37
CA GLN A 43 5.71 -15.53 -6.86
C GLN A 43 4.85 -14.25 -6.79
N ASN A 44 5.27 -13.29 -5.97
CA ASN A 44 4.66 -11.95 -6.01
C ASN A 44 5.50 -11.05 -6.89
N GLY A 45 4.88 -10.02 -7.45
CA GLY A 45 5.54 -9.18 -8.43
C GLY A 45 5.89 -9.87 -9.75
N ARG A 46 5.00 -10.76 -10.19
CA ARG A 46 5.21 -11.54 -11.41
C ARG A 46 4.15 -11.18 -12.42
N CYS A 47 4.61 -10.62 -13.55
CA CYS A 47 3.71 -10.17 -14.60
C CYS A 47 4.49 -10.12 -15.89
N THR A 48 3.90 -10.68 -16.96
CA THR A 48 4.54 -10.60 -18.27
C THR A 48 4.43 -9.17 -18.81
N LEU A 49 5.26 -8.85 -19.81
CA LEU A 49 5.25 -7.53 -20.40
C LEU A 49 3.93 -7.26 -21.10
N ASP A 50 3.22 -8.30 -21.50
CA ASP A 50 1.91 -8.08 -22.12
C ASP A 50 0.74 -8.16 -21.14
N GLY A 51 1.04 -8.13 -19.84
CA GLY A 51 0.01 -7.89 -18.83
C GLY A 51 -0.61 -9.10 -18.15
N GLU A 52 0.03 -10.26 -18.26
CA GLU A 52 -0.46 -11.49 -17.64
C GLU A 52 0.14 -11.67 -16.24
N LEU A 53 -0.69 -11.55 -15.22
CA LEU A 53 -0.26 -11.78 -13.84
C LEU A 53 0.06 -13.26 -13.67
N GLN A 54 1.11 -13.56 -12.91
CA GLN A 54 1.48 -14.95 -12.67
C GLN A 54 1.70 -15.21 -11.17
N GLY A 55 1.94 -16.47 -10.83
CA GLY A 55 2.18 -16.81 -9.43
C GLY A 55 1.02 -16.42 -8.53
N THR A 56 1.33 -15.78 -7.41
CA THR A 56 0.31 -15.32 -6.49
C THR A 56 0.12 -13.80 -6.59
N THR A 57 0.50 -13.22 -7.73
CA THR A 57 0.48 -11.77 -7.89
C THR A 57 -0.93 -11.18 -8.06
N GLN A 58 -1.21 -10.16 -7.27
CA GLN A 58 -2.44 -9.39 -7.43
C GLN A 58 -2.07 -7.90 -7.44
N LEU A 59 -3.06 -7.05 -7.63
CA LEU A 59 -2.78 -5.65 -7.95
C LEU A 59 -2.68 -4.73 -6.76
N LEU A 60 -3.26 -5.12 -5.62
CA LEU A 60 -3.32 -4.15 -4.50
C LEU A 60 -2.02 -4.07 -3.73
N PRO A 61 -1.53 -2.84 -3.51
CA PRO A 61 -0.33 -2.77 -2.65
C PRO A 61 -0.68 -3.24 -1.23
N THR A 62 -1.95 -3.14 -0.82
CA THR A 62 -2.38 -3.57 0.53
C THR A 62 -2.55 -5.08 0.63
N GLY A 63 -2.49 -5.74 -0.52
CA GLY A 63 -2.72 -7.17 -0.55
C GLY A 63 -1.43 -7.99 -0.46
N ILE A 64 -0.28 -7.34 -0.64
CA ILE A 64 0.97 -8.09 -0.67
C ILE A 64 1.33 -8.59 0.73
N CYS A 65 1.45 -9.91 0.89
CA CYS A 65 1.69 -10.55 2.20
C CYS A 65 0.59 -10.29 3.23
N ALA A 66 -0.62 -10.03 2.73
CA ALA A 66 -1.80 -9.87 3.56
C ALA A 66 -2.58 -11.17 3.61
N PHE A 67 -3.36 -11.35 4.67
CA PHE A 67 -4.35 -12.43 4.73
C PHE A 67 -5.67 -11.89 5.27
N ARG A 68 -6.76 -12.49 4.81
CA ARG A 68 -8.07 -12.24 5.38
CA ARG A 68 -8.10 -12.26 5.33
C ARG A 68 -8.72 -13.60 5.64
N GLY A 69 -9.45 -13.70 6.74
CA GLY A 69 -10.08 -14.97 7.07
C GLY A 69 -10.77 -14.90 8.40
N LYS A 70 -10.76 -16.01 9.14
CA LYS A 70 -11.37 -16.07 10.46
C LYS A 70 -10.53 -16.97 11.33
N VAL A 71 -10.28 -16.52 12.54
CA VAL A 71 -9.65 -17.38 13.53
C VAL A 71 -10.61 -18.52 13.86
N THR A 72 -10.09 -19.74 13.93
CA THR A 72 -10.92 -20.86 14.36
C THR A 72 -10.75 -21.06 15.85
N GLN A 73 -9.53 -21.41 16.27
CA GLN A 73 -9.28 -21.69 17.68
C GLN A 73 -7.83 -21.42 18.03
N GLN A 74 -7.54 -21.33 19.31
CA GLN A 74 -6.18 -21.37 19.80
C GLN A 74 -5.70 -22.79 19.60
N VAL A 75 -4.44 -22.94 19.21
CA VAL A 75 -3.88 -24.27 18.94
C VAL A 75 -2.54 -24.42 19.64
N GLN A 76 -2.19 -25.66 19.95
CA GLN A 76 -0.90 -25.96 20.54
C GLN A 76 0.20 -25.93 19.49
N ASP A 77 1.35 -25.41 19.89
CA ASP A 77 2.56 -25.46 19.06
C ASP A 77 3.74 -25.51 20.02
N GLU A 78 4.78 -26.26 19.66
CA GLU A 78 5.91 -26.43 20.56
C GLU A 78 6.73 -25.15 20.70
N HIS A 79 6.56 -24.24 19.75
CA HIS A 79 7.32 -23.00 19.73
C HIS A 79 6.77 -21.95 20.69
N ARG A 80 7.59 -20.94 20.96
CA ARG A 80 7.27 -19.95 21.96
C ARG A 80 6.10 -19.07 21.55
N GLY A 81 5.28 -18.71 22.52
CA GLY A 81 4.18 -17.80 22.25
C GLY A 81 2.84 -18.49 22.27
N THR A 82 1.80 -17.75 21.88
CA THR A 82 0.45 -18.25 21.85
C THR A 82 0.04 -18.39 20.38
N HIS A 83 -0.57 -19.51 20.02
CA HIS A 83 -0.76 -19.84 18.61
C HIS A 83 -2.22 -19.99 18.24
N TRP A 84 -2.55 -19.56 17.02
CA TRP A 84 -3.92 -19.48 16.59
C TRP A 84 -4.05 -19.95 15.16
N ASN A 85 -5.07 -20.77 14.87
CA ASN A 85 -5.32 -21.14 13.51
C ASN A 85 -6.31 -20.19 12.89
N MET A 86 -6.07 -19.79 11.64
CA MET A 86 -7.08 -19.03 10.94
C MET A 86 -7.31 -19.60 9.56
N THR A 87 -8.57 -19.67 9.19
CA THR A 87 -8.89 -20.01 7.82
C THR A 87 -8.62 -18.76 7.01
N VAL A 88 -8.30 -18.93 5.73
CA VAL A 88 -8.05 -17.80 4.87
C VAL A 88 -8.94 -17.88 3.65
N THR A 89 -9.48 -16.73 3.26
CA THR A 89 -10.23 -16.60 2.04
C THR A 89 -9.36 -15.89 1.02
N ASN A 90 -9.93 -15.66 -0.16
CA ASN A 90 -9.38 -14.69 -1.07
C ASN A 90 -9.38 -13.32 -0.39
N LEU A 91 -8.51 -12.42 -0.85
CA LEU A 91 -8.48 -11.08 -0.25
C LEU A 91 -9.79 -10.31 -0.40
N ASN A 92 -10.55 -10.62 -1.46
CA ASN A 92 -11.83 -9.97 -1.69
C ASN A 92 -12.97 -10.58 -0.87
N GLY A 93 -12.64 -11.54 -0.02
CA GLY A 93 -13.65 -12.09 0.88
C GLY A 93 -14.36 -13.34 0.40
N THR A 94 -14.24 -13.66 -0.89
CA THR A 94 -14.84 -14.88 -1.40
C THR A 94 -14.02 -16.11 -1.00
N PRO A 95 -14.66 -17.28 -0.91
CA PRO A 95 -13.97 -18.52 -0.53
C PRO A 95 -12.82 -18.86 -1.48
N PHE A 96 -11.68 -19.25 -0.95
CA PHE A 96 -10.57 -19.66 -1.80
C PHE A 96 -10.79 -21.06 -2.33
N ASP A 97 -10.79 -21.18 -3.65
CA ASP A 97 -11.07 -22.45 -4.31
C ASP A 97 -9.75 -23.09 -4.66
N PRO A 98 -9.41 -24.18 -3.95
CA PRO A 98 -8.10 -24.83 -4.16
C PRO A 98 -7.95 -25.46 -5.54
N THR A 99 -9.02 -25.48 -6.33
CA THR A 99 -8.96 -26.01 -7.68
C THR A 99 -8.58 -24.99 -8.76
N GLU A 100 -8.53 -23.71 -8.40
CA GLU A 100 -8.04 -22.70 -9.33
C GLU A 100 -6.54 -22.92 -9.56
N ASP A 101 -6.08 -22.55 -10.75
CA ASP A 101 -4.69 -22.75 -11.13
C ASP A 101 -3.78 -21.63 -10.60
N VAL A 102 -3.66 -21.56 -9.28
CA VAL A 102 -2.74 -20.63 -8.63
C VAL A 102 -2.07 -21.38 -7.50
N PRO A 103 -0.89 -20.91 -7.06
CA PRO A 103 -0.17 -21.65 -6.02
C PRO A 103 -0.78 -21.56 -4.64
N ALA A 104 -1.58 -20.52 -4.42
CA ALA A 104 -2.10 -20.15 -3.09
C ALA A 104 -2.96 -18.92 -3.33
N PRO A 105 -3.72 -18.46 -2.33
CA PRO A 105 -4.49 -17.22 -2.52
C PRO A 105 -3.57 -16.08 -2.92
N LEU A 106 -4.03 -15.26 -3.84
CA LEU A 106 -3.21 -14.16 -4.31
C LEU A 106 -2.84 -13.29 -3.13
N GLY A 107 -1.58 -12.86 -3.13
CA GLY A 107 -0.98 -12.05 -2.08
C GLY A 107 -0.24 -12.84 -0.99
N THR A 108 -0.45 -14.15 -0.94
CA THR A 108 0.25 -14.99 0.03
C THR A 108 1.75 -14.71 -0.04
N PRO A 109 2.45 -14.63 1.12
CA PRO A 109 3.92 -14.43 1.08
C PRO A 109 4.64 -15.50 0.23
N ASP A 110 5.71 -15.10 -0.45
CA ASP A 110 6.43 -16.00 -1.34
C ASP A 110 7.85 -16.29 -0.88
N PHE A 111 8.10 -16.21 0.42
CA PHE A 111 9.43 -16.49 0.94
C PHE A 111 9.34 -17.10 2.32
N SER A 112 10.40 -17.83 2.68
CA SER A 112 10.55 -18.44 4.00
C SER A 112 10.99 -17.37 5.01
N GLY A 113 10.25 -17.27 6.12
CA GLY A 113 10.64 -16.38 7.21
C GLY A 113 9.56 -16.21 8.26
N GLN A 114 9.89 -15.43 9.29
CA GLN A 114 8.91 -15.08 10.30
C GLN A 114 8.41 -13.69 9.96
N ILE A 115 7.22 -13.62 9.36
CA ILE A 115 6.64 -12.34 8.99
C ILE A 115 5.90 -11.73 10.17
N TYR A 116 6.33 -10.54 10.55
CA TYR A 116 5.78 -9.79 11.66
C TYR A 116 4.75 -8.77 11.18
N GLY A 117 3.63 -8.67 11.90
CA GLY A 117 2.63 -7.68 11.55
C GLY A 117 1.60 -7.58 12.63
N VAL A 118 0.40 -7.16 12.25
CA VAL A 118 -0.68 -7.00 13.20
C VAL A 118 -1.89 -7.80 12.76
N ILE A 119 -2.45 -8.57 13.68
CA ILE A 119 -3.75 -9.20 13.45
C ILE A 119 -4.82 -8.31 14.05
N SER A 120 -5.85 -8.01 13.27
CA SER A 120 -6.98 -7.23 13.78
C SER A 120 -8.29 -7.96 13.48
N GLN A 121 -9.28 -7.71 14.33
CA GLN A 121 -10.59 -8.34 14.19
C GLN A 121 -11.67 -7.32 14.39
N ARG A 122 -12.73 -7.47 13.59
CA ARG A 122 -13.96 -6.71 13.80
C ARG A 122 -15.09 -7.73 13.77
N ASN A 123 -15.78 -7.87 14.90
CA ASN A 123 -16.77 -8.93 15.05
C ASN A 123 -17.93 -8.80 14.08
N THR A 124 -18.54 -9.93 13.76
CA THR A 124 -19.69 -9.93 12.86
C THR A 124 -20.93 -9.48 13.65
N ASN A 125 -21.03 -9.97 14.88
CA ASN A 125 -22.18 -9.64 15.73
C ASN A 125 -22.06 -8.26 16.36
N THR A 126 -23.17 -7.54 16.38
CA THR A 126 -23.19 -6.18 16.92
C THR A 126 -24.02 -6.12 18.20
N VAL A 127 -23.81 -5.07 18.99
CA VAL A 127 -24.54 -4.90 20.25
C VAL A 127 -25.44 -3.68 20.18
N PRO A 128 -26.75 -3.87 20.42
CA PRO A 128 -27.70 -2.76 20.32
C PRO A 128 -27.35 -1.62 21.28
N GLY A 129 -26.99 -1.94 22.52
CA GLY A 129 -26.59 -0.95 23.49
C GLY A 129 -25.32 -0.19 23.12
N GLU A 130 -24.58 -0.74 22.16
CA GLU A 130 -23.38 -0.05 21.67
C GLU A 130 -23.65 0.66 20.34
N GLY A 131 -24.91 1.01 20.11
CA GLY A 131 -25.30 1.69 18.88
C GLY A 131 -25.28 0.75 17.69
N ASN A 132 -25.54 -0.53 17.95
CA ASN A 132 -25.49 -1.56 16.90
C ASN A 132 -24.11 -1.63 16.25
N LEU A 133 -23.07 -1.60 17.06
CA LEU A 133 -21.69 -1.67 16.56
C LEU A 133 -20.96 -2.88 17.10
N PRO A 134 -19.96 -3.36 16.35
CA PRO A 134 -19.19 -4.55 16.72
C PRO A 134 -17.97 -4.26 17.61
N ALA A 135 -17.57 -5.28 18.36
CA ALA A 135 -16.36 -5.26 19.17
C ALA A 135 -15.13 -5.53 18.29
N ASN A 136 -14.01 -4.95 18.69
CA ASN A 136 -12.76 -5.01 17.95
C ASN A 136 -11.56 -5.33 18.84
N ARG A 137 -10.54 -5.94 18.25
CA ARG A 137 -9.24 -6.07 18.90
C ARG A 137 -8.11 -6.18 17.87
N ALA A 138 -6.91 -5.73 18.24
CA ALA A 138 -5.74 -5.96 17.40
C ALA A 138 -4.51 -6.23 18.28
N HIS A 139 -3.62 -7.09 17.77
CA HIS A 139 -2.38 -7.44 18.50
C HIS A 139 -1.30 -7.78 17.50
N GLU A 140 -0.05 -7.58 17.89
CA GLU A 140 1.06 -8.01 17.07
C GLU A 140 1.04 -9.51 16.88
N ALA A 141 1.50 -9.96 15.72
CA ALA A 141 1.45 -11.36 15.35
C ALA A 141 2.62 -11.70 14.45
N VAL A 142 3.00 -12.98 14.46
CA VAL A 142 4.05 -13.50 13.59
C VAL A 142 3.51 -14.72 12.84
N ILE A 143 3.79 -14.78 11.53
CA ILE A 143 3.46 -15.92 10.71
C ILE A 143 4.78 -16.52 10.21
N ALA A 144 5.08 -17.75 10.64
CA ALA A 144 6.24 -18.50 10.17
C ALA A 144 5.85 -19.25 8.89
N THR A 145 6.34 -18.77 7.75
CA THR A 145 5.86 -19.31 6.49
C THR A 145 6.49 -20.67 6.18
N TYR A 146 7.48 -21.06 6.97
CA TYR A 146 8.13 -22.37 6.83
C TYR A 146 7.51 -23.41 7.76
N SER A 147 6.54 -23.01 8.57
CA SER A 147 5.87 -23.92 9.50
C SER A 147 5.06 -24.97 8.74
N PRO A 148 5.00 -26.20 9.27
CA PRO A 148 4.08 -27.17 8.64
C PRO A 148 2.61 -26.74 8.76
N LYS A 149 2.31 -25.80 9.64
CA LYS A 149 0.96 -25.28 9.77
C LYS A 149 0.67 -24.11 8.80
N PHE A 150 1.68 -23.76 7.98
CA PHE A 150 1.45 -22.73 6.95
C PHE A 150 0.93 -23.43 5.70
N THR A 151 -0.39 -23.50 5.56
CA THR A 151 -1.00 -24.23 4.44
C THR A 151 -2.05 -23.38 3.73
N PRO A 152 -1.63 -22.21 3.22
CA PRO A 152 -2.62 -21.33 2.59
C PRO A 152 -3.35 -21.93 1.40
N LYS A 153 -2.70 -22.81 0.64
CA LYS A 153 -3.36 -23.45 -0.50
C LYS A 153 -4.48 -24.39 0.00
N LEU A 154 -4.36 -24.86 1.25
CA LEU A 154 -5.42 -25.65 1.87
C LEU A 154 -6.44 -24.79 2.63
N GLY A 155 -6.26 -23.47 2.59
CA GLY A 155 -7.22 -22.59 3.21
C GLY A 155 -7.03 -22.29 4.70
N ASN A 156 -5.85 -22.58 5.24
CA ASN A 156 -5.57 -22.40 6.66
C ASN A 156 -4.12 -22.02 6.92
N ILE A 157 -3.90 -21.08 7.84
CA ILE A 157 -2.55 -20.80 8.29
C ILE A 157 -2.57 -20.62 9.80
N GLN A 158 -1.40 -20.54 10.41
CA GLN A 158 -1.29 -20.33 11.83
C GLN A 158 -0.47 -19.08 12.10
N PHE A 159 -0.83 -18.33 13.15
CA PHE A 159 0.00 -17.22 13.58
C PHE A 159 0.22 -17.26 15.08
N SER A 160 1.27 -16.60 15.55
CA SER A 160 1.55 -16.54 16.97
C SER A 160 1.44 -15.10 17.46
N THR A 161 1.08 -14.93 18.73
CA THR A 161 0.98 -13.62 19.33
C THR A 161 1.76 -13.62 20.64
N TRP A 162 2.21 -12.44 21.06
CA TRP A 162 2.64 -12.20 22.42
C TRP A 162 1.42 -12.19 23.35
N GLU A 163 0.33 -11.56 22.91
CA GLU A 163 -0.94 -11.57 23.62
C GLU A 163 -1.37 -13.01 23.93
N THR A 164 -1.84 -13.27 25.15
CA THR A 164 -2.12 -14.66 25.52
C THR A 164 -3.57 -15.11 25.39
N GLN A 165 -4.51 -14.18 25.31
CA GLN A 165 -5.92 -14.61 25.29
C GLN A 165 -6.87 -13.82 24.40
N ASP A 166 -6.54 -12.57 24.09
CA ASP A 166 -7.50 -11.66 23.49
C ASP A 166 -7.57 -11.75 21.96
N VAL A 167 -7.77 -12.96 21.46
CA VAL A 167 -8.06 -13.21 20.06
C VAL A 167 -9.33 -14.05 20.01
N SER A 168 -10.32 -13.59 19.24
CA SER A 168 -11.64 -14.22 19.29
C SER A 168 -11.89 -15.24 18.20
N SER A 169 -12.45 -16.39 18.59
CA SER A 169 -12.80 -17.43 17.64
C SER A 169 -13.99 -17.03 16.77
N GLY A 170 -13.95 -17.44 15.51
CA GLY A 170 -15.06 -17.25 14.59
C GLY A 170 -15.33 -15.84 14.11
N GLN A 171 -14.35 -14.96 14.26
CA GLN A 171 -14.54 -13.55 13.92
C GLN A 171 -13.65 -13.12 12.75
N PRO A 172 -14.15 -12.23 11.89
CA PRO A 172 -13.36 -11.73 10.76
C PRO A 172 -12.02 -11.18 11.21
N THR A 173 -10.97 -11.61 10.51
CA THR A 173 -9.59 -11.37 10.91
C THR A 173 -8.76 -10.92 9.71
N LYS A 174 -7.91 -9.92 9.96
CA LYS A 174 -7.06 -9.32 8.93
C LYS A 174 -5.62 -9.38 9.41
N PHE A 175 -4.69 -9.80 8.56
CA PHE A 175 -3.27 -9.64 8.88
C PHE A 175 -2.68 -8.52 8.06
N THR A 176 -2.13 -7.50 8.75
CA THR A 176 -1.43 -6.41 8.10
C THR A 176 0.09 -6.65 8.29
N PRO A 177 0.82 -6.90 7.20
CA PRO A 177 2.26 -7.15 7.37
C PRO A 177 3.02 -5.87 7.71
N VAL A 178 4.09 -6.00 8.51
CA VAL A 178 4.93 -4.85 8.86
C VAL A 178 6.39 -5.12 8.58
N GLY A 179 6.89 -6.31 8.88
CA GLY A 179 8.31 -6.59 8.67
C GLY A 179 8.60 -8.03 8.98
N LEU A 180 9.81 -8.29 9.49
CA LEU A 180 10.17 -9.65 9.92
C LEU A 180 10.33 -9.66 11.43
N ALA A 181 10.13 -10.82 12.05
CA ALA A 181 10.25 -10.88 13.51
C ALA A 181 11.71 -11.00 13.93
N SER A 182 12.50 -11.66 13.08
CA SER A 182 13.90 -11.97 13.35
C SER A 182 14.55 -12.41 12.06
N VAL A 183 15.87 -12.30 11.99
CA VAL A 183 16.63 -12.99 10.94
C VAL A 183 17.74 -13.85 11.53
N ASP A 184 17.58 -14.25 12.79
CA ASP A 184 18.53 -15.24 13.33
C ASP A 184 18.47 -16.53 12.54
N ALA A 185 19.49 -17.37 12.65
CA ALA A 185 19.48 -18.62 11.89
C ALA A 185 18.22 -19.41 12.19
N ASN A 186 17.78 -19.40 13.44
CA ASN A 186 16.61 -20.17 13.85
C ASN A 186 15.28 -19.62 13.31
N SER A 187 15.33 -18.48 12.62
CA SER A 187 14.08 -17.90 12.11
C SER A 187 13.91 -18.15 10.61
N HIS A 188 14.89 -18.84 10.02
CA HIS A 188 14.77 -19.35 8.66
C HIS A 188 14.33 -18.32 7.60
N PHE A 189 14.92 -17.14 7.66
CA PHE A 189 14.71 -16.16 6.60
C PHE A 189 15.53 -16.50 5.38
N ASP A 190 14.84 -16.73 4.27
CA ASP A 190 15.51 -16.89 2.97
C ASP A 190 14.55 -16.44 1.91
N GLN A 191 14.87 -15.31 1.31
CA GLN A 191 13.92 -14.65 0.42
C GLN A 191 13.70 -15.43 -0.87
N TRP A 192 14.57 -16.37 -1.18
CA TRP A 192 14.41 -17.16 -2.40
C TRP A 192 13.88 -18.57 -2.17
N THR A 193 13.64 -18.93 -0.92
CA THR A 193 13.04 -20.22 -0.63
C THR A 193 11.54 -20.06 -0.56
N LEU A 194 10.82 -20.75 -1.43
CA LEU A 194 9.37 -20.68 -1.41
C LEU A 194 8.79 -21.41 -0.21
N PRO A 195 7.69 -20.88 0.36
CA PRO A 195 6.95 -21.71 1.31
C PRO A 195 6.40 -22.95 0.60
N SER A 196 6.11 -23.99 1.38
CA SER A 196 5.35 -25.13 0.89
C SER A 196 3.87 -24.81 1.08
N TYR A 197 3.21 -24.39 0.02
CA TYR A 197 1.88 -23.78 0.17
C TYR A 197 0.80 -24.73 0.70
N SER A 198 1.01 -26.02 0.49
CA SER A 198 0.04 -27.02 0.97
C SER A 198 0.59 -27.82 2.14
N GLY A 199 1.69 -27.33 2.71
CA GLY A 199 2.26 -27.97 3.89
C GLY A 199 3.46 -28.85 3.63
N ALA A 200 3.93 -29.46 4.71
CA ALA A 200 5.13 -30.28 4.65
C ALA A 200 4.95 -31.47 3.73
N LEU A 201 5.95 -31.67 2.89
CA LEU A 201 6.05 -32.84 2.04
C LEU A 201 5.20 -32.76 0.78
N THR A 202 4.63 -31.59 0.50
CA THR A 202 3.82 -31.45 -0.71
C THR A 202 4.52 -30.59 -1.75
N LEU A 203 4.20 -30.85 -3.02
CA LEU A 203 4.79 -30.14 -4.13
C LEU A 203 3.96 -28.88 -4.43
N ASN A 204 4.62 -27.73 -4.52
CA ASN A 204 3.95 -26.52 -4.97
C ASN A 204 3.55 -26.66 -6.43
N MET A 205 2.48 -25.98 -6.82
CA MET A 205 1.99 -26.06 -8.21
C MET A 205 1.61 -24.70 -8.76
N ASN A 206 1.48 -24.62 -10.08
CA ASN A 206 1.02 -23.39 -10.73
C ASN A 206 1.97 -22.21 -10.52
N LEU A 207 3.25 -22.50 -10.36
CA LEU A 207 4.23 -21.45 -10.09
C LEU A 207 4.54 -20.61 -11.31
N ALA A 208 4.81 -19.33 -11.08
CA ALA A 208 5.48 -18.52 -12.08
C ALA A 208 6.86 -19.11 -12.23
N PRO A 209 7.41 -19.09 -13.45
CA PRO A 209 8.69 -19.75 -13.72
C PRO A 209 9.89 -19.04 -13.11
N SER A 210 10.98 -19.78 -12.95
CA SER A 210 12.22 -19.18 -12.48
C SER A 210 12.75 -18.21 -13.52
N VAL A 211 13.58 -17.27 -13.09
CA VAL A 211 14.17 -16.28 -13.98
C VAL A 211 15.71 -16.34 -13.86
N ALA A 212 16.38 -16.06 -14.96
CA ALA A 212 17.85 -16.12 -14.97
C ALA A 212 18.41 -15.37 -16.17
N PRO A 213 19.64 -14.87 -16.04
CA PRO A 213 20.28 -14.28 -17.22
C PRO A 213 20.63 -15.39 -18.19
N VAL A 214 20.63 -15.07 -19.48
CA VAL A 214 21.00 -16.06 -20.49
C VAL A 214 22.31 -15.66 -21.17
N PHE A 215 22.45 -14.36 -21.43
CA PHE A 215 23.61 -13.84 -22.14
C PHE A 215 24.83 -13.80 -21.21
N PRO A 216 26.00 -14.21 -21.72
CA PRO A 216 27.22 -14.16 -20.90
C PRO A 216 27.56 -12.76 -20.39
N GLY A 217 27.92 -12.64 -19.12
CA GLY A 217 28.29 -11.35 -18.55
C GLY A 217 27.09 -10.59 -17.98
N GLU A 218 25.90 -11.15 -18.13
CA GLU A 218 24.71 -10.52 -17.59
C GLU A 218 24.29 -11.12 -16.25
N CYS A 219 23.64 -10.30 -15.44
CA CYS A 219 23.09 -10.76 -14.17
C CYS A 219 21.71 -10.14 -13.97
N LEU A 220 20.94 -10.69 -13.04
CA LEU A 220 19.65 -10.09 -12.71
C LEU A 220 19.84 -8.71 -12.07
N LEU A 221 18.90 -7.81 -12.35
CA LEU A 221 18.81 -6.51 -11.68
C LEU A 221 17.54 -6.46 -10.86
N PHE A 222 17.68 -6.14 -9.58
CA PHE A 222 16.54 -6.16 -8.65
C PHE A 222 16.19 -4.76 -8.15
N PHE A 223 14.92 -4.60 -7.78
CA PHE A 223 14.49 -3.44 -7.02
C PHE A 223 14.44 -3.87 -5.56
N ARG A 224 15.36 -3.31 -4.76
CA ARG A 224 15.58 -3.72 -3.38
C ARG A 224 14.93 -2.80 -2.37
N SER A 225 14.28 -3.41 -1.36
CA SER A 225 13.77 -2.68 -0.21
C SER A 225 14.30 -3.30 1.08
N PHE A 226 14.62 -2.46 2.05
CA PHE A 226 15.00 -2.96 3.36
C PHE A 226 13.77 -3.13 4.23
N ILE A 227 13.70 -4.26 4.93
CA ILE A 227 12.47 -4.64 5.62
C ILE A 227 12.67 -4.50 7.11
N PRO A 228 11.72 -3.88 7.82
CA PRO A 228 11.87 -3.68 9.28
C PRO A 228 11.98 -4.99 10.04
N LEU A 229 12.59 -4.90 11.23
CA LEU A 229 12.71 -6.03 12.14
C LEU A 229 12.11 -5.72 13.51
N LYS A 230 11.40 -6.70 14.07
CA LYS A 230 10.83 -6.57 15.42
C LYS A 230 11.94 -6.56 16.48
N GLY A 231 13.03 -7.27 16.20
CA GLY A 231 14.11 -7.38 17.15
C GLY A 231 15.32 -8.02 16.51
N GLY A 232 16.42 -7.97 17.24
CA GLY A 232 17.62 -8.65 16.81
C GLY A 232 18.49 -7.81 15.91
N TYR A 233 19.59 -8.42 15.49
CA TYR A 233 20.54 -7.77 14.62
C TYR A 233 20.22 -8.14 13.19
N GLY A 234 20.51 -7.21 12.29
CA GLY A 234 20.32 -7.48 10.88
C GLY A 234 19.95 -6.26 10.08
N ASN A 235 20.16 -6.35 8.76
CA ASN A 235 19.68 -5.35 7.83
C ASN A 235 19.08 -6.09 6.64
N PRO A 236 18.03 -6.87 6.90
CA PRO A 236 17.42 -7.66 5.84
C PRO A 236 16.78 -6.83 4.74
N ALA A 237 16.81 -7.43 3.55
CA ALA A 237 16.24 -6.83 2.34
C ALA A 237 15.36 -7.82 1.59
N ILE A 238 14.42 -7.27 0.82
CA ILE A 238 13.58 -8.05 -0.08
C ILE A 238 13.76 -7.48 -1.49
N ASP A 239 14.12 -8.36 -2.43
CA ASP A 239 14.40 -7.96 -3.80
C ASP A 239 13.26 -8.36 -4.73
N CYS A 240 12.67 -7.42 -5.44
CA CYS A 240 11.63 -7.78 -6.40
C CYS A 240 12.12 -7.63 -7.84
N LEU A 241 11.48 -8.32 -8.76
CA LEU A 241 11.87 -8.28 -10.18
C LEU A 241 11.39 -7.02 -10.86
N MET A 242 10.21 -6.55 -10.47
CA MET A 242 9.65 -5.31 -10.98
C MET A 242 8.84 -4.72 -9.85
N PRO A 243 8.81 -3.39 -9.76
CA PRO A 243 7.96 -2.80 -8.71
C PRO A 243 6.45 -2.97 -8.94
N GLN A 244 5.67 -2.78 -7.89
CA GLN A 244 4.22 -2.96 -7.96
C GLN A 244 3.58 -2.05 -9.00
N GLU A 245 4.11 -0.84 -9.15
CA GLU A 245 3.57 0.08 -10.16
C GLU A 245 3.80 -0.42 -11.57
N TRP A 246 4.88 -1.16 -11.81
CA TRP A 246 5.06 -1.76 -13.13
C TRP A 246 4.05 -2.88 -13.38
N VAL A 247 3.85 -3.76 -12.39
CA VAL A 247 2.80 -4.77 -12.48
C VAL A 247 1.46 -4.10 -12.83
N GLN A 248 1.11 -3.05 -12.09
CA GLN A 248 -0.15 -2.33 -12.32
C GLN A 248 -0.23 -1.70 -13.71
N HIS A 249 0.89 -1.17 -14.20
CA HIS A 249 0.93 -0.54 -15.52
C HIS A 249 0.80 -1.57 -16.65
N LEU A 250 1.61 -2.62 -16.59
CA LEU A 250 1.55 -3.69 -17.59
C LEU A 250 0.19 -4.35 -17.63
N TYR A 251 -0.42 -4.55 -16.46
CA TYR A 251 -1.75 -5.12 -16.41
C TYR A 251 -2.74 -4.23 -17.18
N GLN A 252 -2.70 -2.92 -16.91
CA GLN A 252 -3.62 -1.96 -17.54
C GLN A 252 -3.44 -1.94 -19.05
N GLU A 253 -2.19 -1.85 -19.47
CA GLU A 253 -1.86 -1.62 -20.88
C GLU A 253 -2.05 -2.86 -21.73
N SER A 254 -1.53 -3.98 -21.26
CA SER A 254 -1.58 -5.25 -21.99
C SER A 254 -1.14 -5.06 -23.44
N ALA A 255 -0.04 -4.34 -23.62
CA ALA A 255 0.55 -4.14 -24.94
C ALA A 255 1.22 -5.42 -25.44
N PRO A 256 1.01 -5.77 -26.72
CA PRO A 256 1.61 -6.98 -27.27
C PRO A 256 3.14 -6.92 -27.21
N SER A 257 3.77 -8.02 -26.81
CA SER A 257 5.23 -8.06 -26.79
C SER A 257 5.72 -8.37 -28.21
N LEU A 258 6.57 -7.52 -28.75
CA LEU A 258 6.98 -7.64 -30.15
C LEU A 258 8.28 -8.42 -30.31
N SER A 259 8.92 -8.73 -29.20
CA SER A 259 10.05 -9.65 -29.17
C SER A 259 10.18 -10.21 -27.76
N ASP A 260 11.16 -11.07 -27.52
CA ASP A 260 11.37 -11.64 -26.18
C ASP A 260 12.11 -10.71 -25.24
N VAL A 261 12.71 -9.66 -25.78
CA VAL A 261 13.52 -8.77 -24.95
C VAL A 261 13.38 -7.32 -25.37
N ALA A 262 13.05 -6.47 -24.40
CA ALA A 262 12.97 -5.02 -24.63
C ALA A 262 14.22 -4.33 -24.11
N LEU A 263 14.65 -3.29 -24.80
CA LEU A 263 15.78 -2.48 -24.36
C LEU A 263 15.27 -1.27 -23.60
N VAL A 264 15.76 -1.10 -22.38
CA VAL A 264 15.40 0.04 -21.54
C VAL A 264 16.65 0.79 -21.08
N ARG A 265 16.52 2.10 -20.92
CA ARG A 265 17.63 2.91 -20.48
C ARG A 265 17.24 3.60 -19.19
N TYR A 266 18.14 3.59 -18.22
CA TYR A 266 17.92 4.30 -16.97
C TYR A 266 18.41 5.71 -17.18
N VAL A 267 17.50 6.67 -17.08
CA VAL A 267 17.79 8.04 -17.47
C VAL A 267 17.69 9.03 -16.32
N ASN A 268 18.57 10.03 -16.32
CA ASN A 268 18.49 11.13 -15.39
C ASN A 268 17.77 12.30 -16.04
N PRO A 269 16.59 12.68 -15.51
CA PRO A 269 15.79 13.77 -16.08
C PRO A 269 16.53 15.11 -16.09
N GLU A 270 17.22 15.42 -15.00
CA GLU A 270 17.96 16.67 -14.90
C GLU A 270 19.11 16.73 -15.90
N THR A 271 19.92 15.68 -15.92
CA THR A 271 21.05 15.62 -16.83
C THR A 271 20.62 15.29 -18.25
N GLY A 272 19.53 14.52 -18.36
CA GLY A 272 19.01 14.10 -19.66
C GLY A 272 19.75 12.91 -20.23
N ARG A 273 20.77 12.45 -19.51
CA ARG A 273 21.65 11.40 -20.03
C ARG A 273 21.32 10.00 -19.49
N THR A 274 21.76 8.99 -20.23
CA THR A 274 21.57 7.59 -19.87
C THR A 274 22.66 7.13 -18.91
N LEU A 275 22.26 6.64 -17.74
CA LEU A 275 23.21 6.17 -16.74
C LEU A 275 23.66 4.74 -17.04
N PHE A 276 22.74 3.93 -17.54
CA PHE A 276 23.06 2.58 -17.97
C PHE A 276 21.88 2.00 -18.75
N GLU A 277 22.09 0.87 -19.41
CA GLU A 277 20.99 0.22 -20.09
C GLU A 277 20.77 -1.19 -19.57
N ALA A 278 19.56 -1.71 -19.78
CA ALA A 278 19.19 -3.04 -19.30
C ALA A 278 18.26 -3.73 -20.29
N LYS A 279 18.18 -5.05 -20.18
CA LYS A 279 17.19 -5.83 -20.92
C LYS A 279 16.00 -6.08 -20.03
N LEU A 280 14.81 -5.78 -20.53
CA LEU A 280 13.57 -6.13 -19.86
C LEU A 280 12.94 -7.32 -20.59
N HIS A 281 12.96 -8.47 -19.93
CA HIS A 281 12.58 -9.73 -20.55
C HIS A 281 11.08 -9.94 -20.54
N ARG A 282 10.59 -10.68 -21.53
CA ARG A 282 9.16 -10.87 -21.73
C ARG A 282 8.43 -11.38 -20.48
N ASN A 283 9.08 -12.24 -19.72
CA ASN A 283 8.44 -12.81 -18.54
C ASN A 283 8.35 -11.85 -17.36
N GLY A 284 9.01 -10.70 -17.48
CA GLY A 284 8.90 -9.64 -16.49
C GLY A 284 10.04 -9.57 -15.50
N PHE A 285 11.26 -9.40 -16.02
CA PHE A 285 12.44 -9.22 -15.16
C PHE A 285 13.56 -8.55 -15.96
N LEU A 286 14.54 -8.01 -15.24
CA LEU A 286 15.61 -7.22 -15.86
C LEU A 286 16.97 -7.91 -15.74
N THR A 287 17.79 -7.80 -16.80
CA THR A 287 19.21 -8.11 -16.68
C THR A 287 20.09 -6.93 -17.11
N VAL A 288 21.31 -6.88 -16.57
CA VAL A 288 22.30 -5.87 -16.92
C VAL A 288 23.66 -6.53 -17.12
N ALA A 289 24.52 -5.85 -17.88
CA ALA A 289 25.92 -6.27 -18.01
C ALA A 289 26.73 -5.68 -16.84
N ARG A 290 26.83 -6.44 -15.75
CA ARG A 290 27.55 -6.00 -14.56
C ARG A 290 28.22 -7.22 -13.93
N ASN A 291 29.44 -7.04 -13.43
CA ASN A 291 30.15 -8.16 -12.82
C ASN A 291 30.47 -7.90 -11.35
N SER A 292 29.60 -7.14 -10.69
CA SER A 292 29.74 -6.89 -9.26
C SER A 292 28.39 -7.07 -8.55
N ALA A 293 28.46 -7.28 -7.24
CA ALA A 293 27.29 -7.38 -6.37
C ALA A 293 27.18 -6.07 -5.61
N GLY A 294 25.96 -5.71 -5.25
CA GLY A 294 25.73 -4.55 -4.41
C GLY A 294 24.78 -3.56 -5.02
N PRO A 295 24.58 -2.43 -4.34
CA PRO A 295 23.67 -1.41 -4.86
C PRO A 295 24.21 -0.77 -6.14
N VAL A 296 23.29 -0.29 -6.97
CA VAL A 296 23.63 0.58 -8.08
C VAL A 296 23.49 2.01 -7.58
N VAL A 297 24.60 2.71 -7.51
CA VAL A 297 24.65 4.04 -6.91
C VAL A 297 24.29 5.09 -7.96
N ALA A 298 23.07 5.57 -7.88
CA ALA A 298 22.54 6.52 -8.85
C ALA A 298 21.41 7.30 -8.20
N PRO A 299 21.07 8.47 -8.75
CA PRO A 299 19.99 9.30 -8.21
C PRO A 299 18.65 8.57 -8.17
N THR A 300 17.92 8.71 -7.07
CA THR A 300 16.59 8.14 -6.97
C THR A 300 15.63 8.89 -7.88
N ASN A 301 16.14 9.96 -8.49
CA ASN A 301 15.41 10.77 -9.44
C ASN A 301 15.47 10.20 -10.86
N GLY A 302 16.27 9.16 -11.06
CA GLY A 302 16.36 8.53 -12.36
C GLY A 302 15.20 7.57 -12.63
N TYR A 303 15.00 7.19 -13.89
CA TYR A 303 13.94 6.24 -14.22
C TYR A 303 14.24 5.45 -15.50
N PHE A 304 13.55 4.32 -15.64
CA PHE A 304 13.65 3.52 -16.85
C PHE A 304 12.75 4.02 -17.96
N ARG A 305 13.32 4.10 -19.17
CA ARG A 305 12.58 4.49 -20.35
C ARG A 305 12.68 3.39 -21.38
N PHE A 306 11.54 2.96 -21.93
CA PHE A 306 11.54 1.97 -23.01
C PHE A 306 12.14 2.58 -24.26
N ASP A 307 13.18 1.94 -24.79
CA ASP A 307 13.85 2.42 -26.00
C ASP A 307 13.33 1.72 -27.25
N SER A 308 13.40 0.40 -27.25
CA SER A 308 13.00 -0.39 -28.41
C SER A 308 13.05 -1.86 -28.08
N TRP A 309 12.42 -2.68 -28.92
CA TRP A 309 12.51 -4.13 -28.80
C TRP A 309 13.81 -4.62 -29.41
N VAL A 310 14.52 -5.48 -28.68
CA VAL A 310 15.73 -6.11 -29.20
C VAL A 310 15.54 -7.61 -29.24
N ASN A 311 16.60 -8.37 -29.01
CA ASN A 311 16.48 -9.83 -29.00
C ASN A 311 17.61 -10.48 -28.21
N GLN A 312 17.61 -11.81 -28.17
CA GLN A 312 18.58 -12.56 -27.38
C GLN A 312 20.04 -12.41 -27.86
N PHE A 313 20.25 -11.76 -29.00
CA PHE A 313 21.60 -11.63 -29.54
C PHE A 313 22.23 -10.26 -29.24
N TYR A 314 21.44 -9.36 -28.66
CA TYR A 314 21.87 -7.99 -28.40
C TYR A 314 22.80 -7.92 -27.19
N THR A 315 23.90 -7.18 -27.35
CA THR A 315 24.89 -7.00 -26.28
C THR A 315 24.71 -5.67 -25.56
N LEU A 316 24.46 -5.74 -24.26
CA LEU A 316 24.32 -4.54 -23.44
C LEU A 316 25.64 -3.84 -23.24
N ALA A 317 25.60 -2.50 -23.24
CA ALA A 317 26.76 -1.73 -22.83
C ALA A 317 27.03 -2.01 -21.35
N PRO A 318 28.29 -2.28 -21.00
CA PRO A 318 28.64 -2.55 -19.60
C PRO A 318 28.29 -1.39 -18.68
N MET A 319 27.81 -1.71 -17.47
CA MET A 319 27.56 -0.70 -16.46
C MET A 319 28.87 -0.15 -15.89
N SER B 4 -5.71 17.81 -30.74
CA SER B 4 -4.36 17.29 -30.55
C SER B 4 -4.04 17.03 -29.07
N SER B 5 -4.88 17.56 -28.19
CA SER B 5 -4.66 17.42 -26.75
C SER B 5 -4.77 15.97 -26.31
N LYS B 6 -3.90 15.55 -25.40
CA LYS B 6 -3.93 14.18 -24.89
C LYS B 6 -5.28 13.91 -24.22
N PRO B 7 -5.99 12.88 -24.69
CA PRO B 7 -7.31 12.54 -24.17
C PRO B 7 -7.29 12.16 -22.68
N PHE B 8 -8.26 12.64 -21.93
CA PHE B 8 -8.41 12.28 -20.53
C PHE B 8 -8.83 10.82 -20.40
N THR B 9 -8.23 10.09 -19.45
CA THR B 9 -8.62 8.71 -19.18
C THR B 9 -8.55 8.43 -17.68
N LEU B 10 -9.31 7.43 -17.25
CA LEU B 10 -9.16 6.88 -15.91
C LEU B 10 -8.62 5.48 -16.09
N PRO B 11 -7.98 4.93 -15.05
CA PRO B 11 -7.54 3.53 -15.17
C PRO B 11 -8.72 2.58 -15.23
N ILE B 12 -8.51 1.36 -15.74
CA ILE B 12 -9.55 0.33 -15.75
C ILE B 12 -9.42 -0.58 -14.53
N LEU B 13 -10.08 -0.19 -13.43
CA LEU B 13 -9.91 -0.90 -12.17
C LEU B 13 -11.23 -1.04 -11.44
N THR B 14 -11.54 -2.27 -11.05
CA THR B 14 -12.74 -2.52 -10.30
C THR B 14 -12.51 -2.03 -8.87
N LEU B 15 -13.58 -1.91 -8.10
CA LEU B 15 -13.44 -1.52 -6.69
C LEU B 15 -12.48 -2.43 -5.97
N GLY B 16 -12.51 -3.72 -6.31
CA GLY B 16 -11.66 -4.69 -5.68
C GLY B 16 -10.21 -4.62 -6.15
N GLU B 17 -9.92 -3.66 -7.03
CA GLU B 17 -8.53 -3.45 -7.52
C GLU B 17 -8.02 -2.06 -7.18
N LEU B 18 -8.72 -1.38 -6.27
CA LEU B 18 -8.39 -0.01 -5.85
C LEU B 18 -8.04 0.07 -4.39
N THR B 19 -7.23 1.07 -4.04
CA THR B 19 -6.87 1.32 -2.64
C THR B 19 -7.12 2.78 -2.26
N ASN B 20 -7.30 2.99 -0.97
CA ASN B 20 -7.63 4.29 -0.41
C ASN B 20 -6.40 5.18 -0.45
N SER B 21 -6.61 6.44 -0.76
CA SER B 21 -5.53 7.42 -0.83
C SER B 21 -5.31 8.16 0.50
N ARG B 22 -6.14 7.88 1.52
CA ARG B 22 -6.01 8.55 2.80
C ARG B 22 -5.56 7.63 3.94
N PHE B 23 -5.57 6.32 3.69
CA PHE B 23 -5.01 5.34 4.62
C PHE B 23 -4.75 4.06 3.82
N PRO B 24 -3.75 3.27 4.22
CA PRO B 24 -3.40 2.07 3.43
C PRO B 24 -4.40 0.93 3.61
N LEU B 25 -5.48 1.01 2.85
CA LEU B 25 -6.62 0.10 2.96
C LEU B 25 -7.14 -0.12 1.55
N PRO B 26 -7.69 -1.30 1.29
CA PRO B 26 -8.39 -1.48 0.01
C PRO B 26 -9.70 -0.69 0.01
N ILE B 27 -10.20 -0.32 -1.16
CA ILE B 27 -11.54 0.25 -1.24
C ILE B 27 -12.59 -0.83 -1.00
N ASP B 28 -13.52 -0.57 -0.08
CA ASP B 28 -14.57 -1.55 0.22
C ASP B 28 -15.88 -1.29 -0.51
N VAL B 29 -16.37 -0.05 -0.46
CA VAL B 29 -17.62 0.32 -1.11
C VAL B 29 -17.58 1.76 -1.60
N LEU B 30 -18.44 2.08 -2.58
CA LEU B 30 -18.71 3.48 -2.91
C LEU B 30 -19.76 3.97 -1.90
N TYR B 31 -19.74 5.26 -1.56
CA TYR B 31 -20.52 5.74 -0.42
C TYR B 31 -20.95 7.19 -0.57
N THR B 32 -22.17 7.48 -0.16
CA THR B 32 -22.63 8.88 -0.09
C THR B 32 -23.15 9.23 1.30
N ASN B 33 -23.10 10.54 1.60
CA ASN B 33 -23.62 11.07 2.85
C ASN B 33 -24.09 12.51 2.64
N PRO B 34 -25.25 12.69 1.99
CA PRO B 34 -25.75 14.01 1.59
C PRO B 34 -25.87 15.02 2.72
N ASN B 35 -26.22 14.57 3.92
CA ASN B 35 -26.50 15.50 5.01
C ASN B 35 -25.27 15.89 5.83
N GLU B 36 -24.09 15.49 5.36
CA GLU B 36 -22.84 15.83 6.03
C GLU B 36 -22.75 17.30 6.39
N SER B 37 -22.53 17.59 7.66
CA SER B 37 -22.46 18.97 8.13
C SER B 37 -21.06 19.55 8.04
N ALA B 38 -20.05 18.67 7.94
CA ALA B 38 -18.68 19.13 7.93
C ALA B 38 -18.19 19.58 6.55
N ILE B 39 -17.24 20.51 6.59
CA ILE B 39 -16.52 20.91 5.40
C ILE B 39 -15.55 19.77 5.04
N VAL B 40 -15.61 19.34 3.79
CA VAL B 40 -14.75 18.25 3.31
C VAL B 40 -13.53 18.91 2.66
N GLN B 41 -12.37 18.71 3.29
CA GLN B 41 -11.13 19.33 2.85
C GLN B 41 -9.95 18.44 3.23
N CYS B 42 -10.06 17.16 2.90
CA CYS B 42 -8.94 16.25 3.16
C CYS B 42 -7.71 16.67 2.34
N GLN B 43 -6.54 16.22 2.75
CA GLN B 43 -5.28 16.68 2.15
C GLN B 43 -4.48 15.57 1.49
N ASN B 44 -4.79 14.31 1.82
CA ASN B 44 -4.24 13.20 1.06
C ASN B 44 -5.26 12.76 0.02
N GLY B 45 -4.78 12.12 -1.03
CA GLY B 45 -5.62 11.78 -2.16
C GLY B 45 -6.16 13.00 -2.90
N ARG B 46 -5.34 14.04 -3.00
CA ARG B 46 -5.74 15.25 -3.70
C ARG B 46 -4.91 15.45 -4.95
N CYS B 47 -5.58 15.48 -6.10
CA CYS B 47 -4.90 15.62 -7.37
C CYS B 47 -5.89 16.16 -8.37
N THR B 48 -5.48 17.18 -9.12
CA THR B 48 -6.37 17.75 -10.14
C THR B 48 -6.46 16.77 -11.32
N LEU B 49 -7.46 16.94 -12.17
CA LEU B 49 -7.60 16.02 -13.29
C LEU B 49 -6.44 16.12 -14.28
N ASP B 50 -5.73 17.25 -14.28
CA ASP B 50 -4.55 17.36 -15.14
C ASP B 50 -3.22 17.00 -14.47
N GLY B 51 -3.28 16.37 -13.30
CA GLY B 51 -2.10 15.74 -12.71
C GLY B 51 -1.31 16.53 -11.69
N GLU B 52 -1.91 17.60 -11.16
CA GLU B 52 -1.23 18.41 -10.15
C GLU B 52 -1.59 17.91 -8.74
N LEU B 53 -0.60 17.39 -8.04
CA LEU B 53 -0.79 16.91 -6.69
C LEU B 53 -0.98 18.09 -5.75
N GLN B 54 -1.87 17.95 -4.78
CA GLN B 54 -2.14 19.06 -3.85
C GLN B 54 -2.16 18.57 -2.40
N GLY B 55 -2.30 19.49 -1.46
CA GLY B 55 -2.26 19.10 -0.06
C GLY B 55 -0.96 18.42 0.33
N THR B 56 -1.09 17.30 1.04
CA THR B 56 0.06 16.54 1.48
C THR B 56 0.23 15.28 0.66
N THR B 57 -0.35 15.26 -0.53
CA THR B 57 -0.48 14.04 -1.32
C THR B 57 0.84 13.69 -2.01
N GLN B 58 1.25 12.43 -1.86
CA GLN B 58 2.40 11.92 -2.59
C GLN B 58 1.97 10.59 -3.22
N LEU B 59 2.87 9.98 -3.97
CA LEU B 59 2.49 8.87 -4.85
C LEU B 59 2.59 7.49 -4.22
N LEU B 60 3.36 7.32 -3.15
CA LEU B 60 3.60 5.98 -2.62
C LEU B 60 2.45 5.47 -1.76
N PRO B 61 1.94 4.28 -2.07
CA PRO B 61 0.91 3.76 -1.15
C PRO B 61 1.49 3.54 0.25
N THR B 62 2.79 3.26 0.32
CA THR B 62 3.47 3.05 1.60
C THR B 62 3.74 4.37 2.34
N GLY B 63 3.51 5.51 1.69
CA GLY B 63 3.78 6.79 2.32
C GLY B 63 2.57 7.43 3.01
N ILE B 64 1.40 6.85 2.78
CA ILE B 64 0.16 7.43 3.29
C ILE B 64 0.06 7.21 4.79
N CYS B 65 0.02 8.30 5.55
CA CYS B 65 0.04 8.26 7.02
C CYS B 65 1.31 7.65 7.60
N ALA B 66 2.42 7.75 6.86
CA ALA B 66 3.73 7.28 7.31
C ALA B 66 4.55 8.45 7.83
N PHE B 67 5.51 8.15 8.69
CA PHE B 67 6.51 9.13 9.13
C PHE B 67 7.88 8.48 9.15
N ARG B 68 8.91 9.29 8.93
CA ARG B 68 10.30 8.91 9.08
CA ARG B 68 10.28 8.89 9.11
C ARG B 68 10.97 9.96 9.92
N GLY B 69 11.89 9.56 10.78
CA GLY B 69 12.59 10.54 11.56
C GLY B 69 13.47 9.88 12.60
N LYS B 70 13.66 10.60 13.70
CA LYS B 70 14.48 10.10 14.82
C LYS B 70 13.85 10.51 16.14
N VAL B 71 14.00 9.66 17.15
CA VAL B 71 13.47 9.94 18.47
C VAL B 71 14.45 10.79 19.28
N THR B 72 13.93 11.78 20.01
CA THR B 72 14.81 12.71 20.74
C THR B 72 14.54 12.86 22.24
N GLN B 73 13.40 12.37 22.70
CA GLN B 73 12.97 12.60 24.07
C GLN B 73 11.98 11.52 24.51
N GLN B 74 12.10 11.08 25.75
CA GLN B 74 11.17 10.13 26.37
C GLN B 74 10.46 10.81 27.53
N VAL B 75 9.13 10.81 27.53
CA VAL B 75 8.38 11.42 28.61
C VAL B 75 7.27 10.46 29.03
N GLN B 76 7.30 10.01 30.29
CA GLN B 76 6.31 9.06 30.76
C GLN B 76 4.94 9.72 30.92
N ASP B 77 3.89 8.97 30.61
CA ASP B 77 2.53 9.43 30.84
C ASP B 77 2.22 9.46 32.34
N GLU B 78 1.22 10.25 32.72
CA GLU B 78 0.84 10.40 34.11
C GLU B 78 0.34 9.08 34.72
N HIS B 79 -0.29 8.25 33.91
CA HIS B 79 -0.90 7.02 34.42
C HIS B 79 -0.44 5.77 33.68
N ARG B 80 -0.52 5.80 32.35
CA ARG B 80 -0.18 4.63 31.55
C ARG B 80 0.48 5.01 30.23
N GLY B 81 1.59 4.33 29.92
CA GLY B 81 2.24 4.51 28.64
C GLY B 81 3.39 5.50 28.68
N THR B 82 3.97 5.73 27.51
CA THR B 82 5.16 6.54 27.38
C THR B 82 5.07 7.32 26.10
N HIS B 83 5.47 8.58 26.13
CA HIS B 83 5.46 9.42 24.97
C HIS B 83 6.88 9.66 24.53
N TRP B 84 7.07 9.82 23.24
CA TRP B 84 8.38 9.94 22.64
C TRP B 84 8.32 11.07 21.64
N ASN B 85 9.24 12.02 21.71
CA ASN B 85 9.33 13.04 20.66
C ASN B 85 10.10 12.54 19.48
N MET B 86 9.57 12.80 18.31
CA MET B 86 10.18 12.37 17.08
C MET B 86 10.34 13.57 16.15
N THR B 87 11.57 13.87 15.76
CA THR B 87 11.79 14.84 14.69
C THR B 87 11.51 14.08 13.41
N VAL B 88 10.80 14.72 12.49
CA VAL B 88 10.44 14.03 11.25
C VAL B 88 11.12 14.69 10.08
N THR B 89 11.48 13.85 9.10
CA THR B 89 12.05 14.31 7.84
C THR B 89 11.00 14.12 6.75
N ASN B 90 11.32 14.51 5.52
CA ASN B 90 10.53 14.03 4.40
C ASN B 90 10.63 12.51 4.39
N LEU B 91 9.66 11.86 3.75
CA LEU B 91 9.69 10.40 3.65
C LEU B 91 10.91 9.86 2.89
N ASN B 92 11.51 10.66 1.99
CA ASN B 92 12.73 10.24 1.30
C ASN B 92 14.00 10.47 2.13
N GLY B 93 13.82 10.93 3.37
CA GLY B 93 14.96 11.08 4.28
C GLY B 93 15.64 12.43 4.28
N THR B 94 15.36 13.26 3.27
CA THR B 94 15.89 14.63 3.24
C THR B 94 15.20 15.48 4.30
N PRO B 95 15.86 16.54 4.78
CA PRO B 95 15.25 17.37 5.83
C PRO B 95 14.00 18.03 5.31
N PHE B 96 12.99 18.11 6.17
CA PHE B 96 11.78 18.79 5.76
C PHE B 96 12.02 20.29 5.86
N ASP B 97 11.76 20.99 4.77
CA ASP B 97 11.94 22.43 4.74
C ASP B 97 10.58 23.09 4.93
N PRO B 98 10.36 23.72 6.10
CA PRO B 98 9.04 24.29 6.40
C PRO B 98 8.70 25.50 5.52
N THR B 99 9.66 26.01 4.75
CA THR B 99 9.39 27.11 3.83
C THR B 99 8.75 26.66 2.51
N GLU B 100 8.75 25.35 2.25
CA GLU B 100 8.13 24.82 1.05
C GLU B 100 6.61 25.02 1.09
N ASP B 101 6.00 25.18 -0.06
CA ASP B 101 4.57 25.46 -0.11
C ASP B 101 3.71 24.20 0.03
N VAL B 102 3.80 23.54 1.18
CA VAL B 102 2.96 22.39 1.52
C VAL B 102 2.46 22.52 2.96
N PRO B 103 1.36 21.83 3.30
CA PRO B 103 0.84 22.00 4.67
C PRO B 103 1.71 21.33 5.73
N ALA B 104 2.50 20.34 5.30
CA ALA B 104 3.19 19.43 6.19
C ALA B 104 3.98 18.48 5.30
N PRO B 105 4.88 17.67 5.88
CA PRO B 105 5.57 16.68 5.05
C PRO B 105 4.58 15.83 4.28
N LEU B 106 4.90 15.50 3.03
CA LEU B 106 3.93 14.71 2.25
C LEU B 106 3.71 13.36 2.92
N GLY B 107 2.46 12.92 2.93
CA GLY B 107 2.06 11.68 3.60
C GLY B 107 1.52 11.86 5.00
N THR B 108 1.79 13.01 5.63
CA THR B 108 1.23 13.31 6.95
C THR B 108 -0.27 12.99 7.01
N PRO B 109 -0.73 12.34 8.08
CA PRO B 109 -2.19 12.10 8.20
C PRO B 109 -3.01 13.41 8.07
N ASP B 110 -4.22 13.32 7.51
CA ASP B 110 -5.06 14.51 7.31
C ASP B 110 -6.38 14.49 8.11
N PHE B 111 -6.40 13.80 9.24
CA PHE B 111 -7.58 13.77 10.05
C PHE B 111 -7.21 13.71 11.51
N SER B 112 -8.15 14.14 12.34
CA SER B 112 -8.05 14.05 13.79
C SER B 112 -8.37 12.63 14.28
N GLY B 113 -7.49 12.12 15.13
CA GLY B 113 -7.75 10.83 15.75
C GLY B 113 -6.48 10.26 16.35
N GLN B 114 -6.60 9.07 16.93
CA GLN B 114 -5.46 8.36 17.47
C GLN B 114 -5.09 7.28 16.46
N ILE B 115 -4.01 7.50 15.72
CA ILE B 115 -3.62 6.56 14.70
C ILE B 115 -2.71 5.47 15.27
N TYR B 116 -3.11 4.21 15.07
CA TYR B 116 -2.41 3.06 15.60
C TYR B 116 -1.50 2.46 14.53
N GLY B 117 -0.30 2.07 14.93
CA GLY B 117 0.63 1.51 13.98
C GLY B 117 1.81 0.93 14.71
N VAL B 118 2.89 0.75 13.97
CA VAL B 118 4.13 0.21 14.52
C VAL B 118 5.27 1.18 14.29
N ILE B 119 5.98 1.50 15.36
CA ILE B 119 7.25 2.21 15.26
C ILE B 119 8.38 1.17 15.17
N SER B 120 9.20 1.27 14.13
CA SER B 120 10.36 0.38 14.01
C SER B 120 11.64 1.21 13.87
N GLN B 121 12.77 0.62 14.27
CA GLN B 121 14.07 1.31 14.23
C GLN B 121 15.17 0.36 13.78
N ARG B 122 16.08 0.87 12.97
CA ARG B 122 17.27 0.13 12.60
C ARG B 122 18.44 1.07 12.89
N ASN B 123 19.34 0.65 13.79
CA ASN B 123 20.38 1.57 14.22
C ASN B 123 21.38 1.88 13.12
N THR B 124 21.98 3.07 13.20
CA THR B 124 23.00 3.49 12.25
C THR B 124 24.34 2.77 12.43
N ASN B 125 24.74 2.55 13.68
CA ASN B 125 25.97 1.84 13.98
C ASN B 125 25.79 0.32 13.96
N ASN B 132 28.83 -6.49 13.34
CA ASN B 132 28.78 -5.68 12.13
C ASN B 132 27.37 -5.59 11.52
N LEU B 133 26.37 -6.04 12.27
CA LEU B 133 24.98 -5.89 11.85
C LEU B 133 24.27 -4.98 12.84
N PRO B 134 23.41 -4.08 12.35
CA PRO B 134 22.78 -3.14 13.29
C PRO B 134 21.70 -3.78 14.16
N ALA B 135 21.50 -3.20 15.34
CA ALA B 135 20.42 -3.60 16.24
C ALA B 135 19.07 -3.01 15.77
N ASN B 136 18.00 -3.73 16.07
CA ASN B 136 16.64 -3.35 15.66
C ASN B 136 15.65 -3.49 16.79
N ARG B 137 14.57 -2.73 16.71
CA ARG B 137 13.41 -2.94 17.59
C ARG B 137 12.16 -2.40 16.94
N ALA B 138 11.02 -2.99 17.27
CA ALA B 138 9.73 -2.42 16.83
C ALA B 138 8.70 -2.58 17.96
N HIS B 139 7.78 -1.62 18.06
CA HIS B 139 6.70 -1.69 19.06
C HIS B 139 5.41 -1.08 18.51
N GLU B 140 4.28 -1.51 19.05
CA GLU B 140 3.02 -0.81 18.78
C GLU B 140 3.14 0.64 19.20
N ALA B 141 2.48 1.52 18.47
CA ALA B 141 2.54 2.95 18.77
C ALA B 141 1.25 3.64 18.37
N VAL B 142 0.99 4.78 18.99
CA VAL B 142 -0.19 5.58 18.67
C VAL B 142 0.26 7.01 18.47
N ILE B 143 -0.24 7.64 17.42
CA ILE B 143 -0.01 9.07 17.19
C ILE B 143 -1.36 9.81 17.30
N ALA B 144 -1.48 10.68 18.28
CA ALA B 144 -2.69 11.49 18.47
C ALA B 144 -2.54 12.78 17.65
N THR B 145 -3.24 12.84 16.52
CA THR B 145 -3.04 13.94 15.59
C THR B 145 -3.68 15.24 16.02
N TYR B 146 -4.51 15.21 17.06
CA TYR B 146 -5.16 16.39 17.63
C TYR B 146 -4.33 16.97 18.78
N SER B 147 -3.32 16.23 19.22
CA SER B 147 -2.46 16.67 20.33
C SER B 147 -1.68 17.94 20.03
N PRO B 148 -1.49 18.78 21.06
CA PRO B 148 -0.68 19.98 20.84
C PRO B 148 0.76 19.64 20.44
N LYS B 149 1.16 18.39 20.64
CA LYS B 149 2.51 17.95 20.30
C LYS B 149 2.60 17.45 18.87
N PHE B 150 1.47 17.39 18.19
CA PHE B 150 1.47 17.01 16.78
C PHE B 150 1.76 18.23 15.93
N THR B 151 3.03 18.48 15.62
CA THR B 151 3.41 19.67 14.86
C THR B 151 4.31 19.33 13.68
N PRO B 152 3.84 18.46 12.77
CA PRO B 152 4.70 18.00 11.68
C PRO B 152 5.22 19.12 10.78
N LYS B 153 4.46 20.20 10.60
CA LYS B 153 4.94 21.32 9.80
C LYS B 153 6.15 21.99 10.46
N LEU B 154 6.28 21.84 11.78
CA LEU B 154 7.44 22.35 12.51
C LEU B 154 8.54 21.31 12.63
N GLY B 155 8.31 20.13 12.07
CA GLY B 155 9.33 19.09 12.03
C GLY B 155 9.34 18.14 13.20
N ASN B 156 8.30 18.17 14.03
CA ASN B 156 8.28 17.36 15.25
C ASN B 156 6.89 16.83 15.59
N ILE B 157 6.82 15.56 15.97
CA ILE B 157 5.56 14.98 16.45
C ILE B 157 5.83 14.17 17.69
N GLN B 158 4.77 13.64 18.30
CA GLN B 158 4.95 12.74 19.42
C GLN B 158 4.20 11.46 19.08
N PHE B 159 4.73 10.34 19.54
CA PHE B 159 3.98 9.12 19.50
C PHE B 159 4.03 8.51 20.89
N SER B 160 3.06 7.65 21.19
CA SER B 160 3.03 6.98 22.47
C SER B 160 3.11 5.47 22.28
N THR B 161 3.63 4.80 23.29
CA THR B 161 3.75 3.36 23.25
C THR B 161 3.28 2.77 24.55
N TRP B 162 2.90 1.50 24.51
CA TRP B 162 2.69 0.70 25.70
C TRP B 162 4.06 0.33 26.26
N GLU B 163 4.99 -0.01 25.38
CA GLU B 163 6.38 -0.29 25.78
C GLU B 163 6.93 0.92 26.54
N THR B 164 7.56 0.69 27.69
CA THR B 164 8.00 1.81 28.52
C THR B 164 9.45 2.27 28.34
N GLN B 165 10.30 1.46 27.73
CA GLN B 165 11.73 1.81 27.71
C GLN B 165 12.48 1.58 26.39
N ASP B 166 12.11 0.54 25.65
CA ASP B 166 12.92 0.04 24.53
C ASP B 166 12.69 0.80 23.21
N VAL B 167 12.80 2.12 23.26
CA VAL B 167 12.84 2.96 22.07
C VAL B 167 14.10 3.80 22.12
N SER B 168 14.92 3.71 21.09
CA SER B 168 16.25 4.34 21.13
C SER B 168 16.23 5.75 20.58
N SER B 169 17.07 6.61 21.16
CA SER B 169 17.16 7.98 20.67
C SER B 169 18.25 8.10 19.62
N GLY B 170 18.06 9.03 18.71
CA GLY B 170 19.07 9.29 17.70
C GLY B 170 19.25 8.21 16.65
N GLN B 171 18.24 7.36 16.48
CA GLN B 171 18.32 6.25 15.53
C GLN B 171 17.18 6.32 14.53
N PRO B 172 17.44 5.94 13.27
CA PRO B 172 16.38 6.02 12.26
C PRO B 172 15.12 5.25 12.63
N THR B 173 13.98 5.93 12.48
CA THR B 173 12.70 5.48 13.01
C THR B 173 11.65 5.59 11.92
N LYS B 174 10.83 4.55 11.79
CA LYS B 174 9.76 4.48 10.81
C LYS B 174 8.42 4.25 11.53
N PHE B 175 7.37 4.96 11.13
CA PHE B 175 6.00 4.64 11.56
C PHE B 175 5.24 4.02 10.41
N THR B 176 4.80 2.77 10.61
CA THR B 176 3.95 2.07 9.66
C THR B 176 2.53 2.12 10.21
N PRO B 177 1.61 2.79 9.53
CA PRO B 177 0.23 2.88 10.03
C PRO B 177 -0.53 1.55 9.86
N VAL B 178 -1.44 1.26 10.78
CA VAL B 178 -2.24 0.02 10.72
C VAL B 178 -3.73 0.32 10.86
N GLY B 179 -4.10 1.22 11.78
CA GLY B 179 -5.51 1.53 11.95
C GLY B 179 -5.71 2.65 12.95
N LEU B 180 -6.82 2.58 13.69
CA LEU B 180 -7.07 3.54 14.75
C LEU B 180 -6.89 2.88 16.11
N ALA B 181 -6.49 3.66 17.10
CA ALA B 181 -6.24 3.10 18.41
C ALA B 181 -7.52 3.05 19.24
N SER B 182 -8.47 3.92 18.89
CA SER B 182 -9.70 4.11 19.66
C SER B 182 -10.64 4.93 18.83
N VAL B 183 -11.94 4.78 19.08
CA VAL B 183 -12.91 5.76 18.59
C VAL B 183 -13.78 6.22 19.73
N ASP B 184 -13.30 6.04 20.96
CA ASP B 184 -14.08 6.52 22.10
C ASP B 184 -14.13 8.05 22.06
N ALA B 185 -15.05 8.63 22.84
CA ALA B 185 -15.21 10.07 22.86
C ALA B 185 -13.89 10.82 23.09
N ASN B 186 -13.08 10.33 24.03
CA ASN B 186 -11.82 10.99 24.38
C ASN B 186 -10.71 10.81 23.36
N SER B 187 -10.99 10.10 22.27
CA SER B 187 -9.97 9.87 21.25
C SER B 187 -10.14 10.75 20.02
N HIS B 188 -11.21 11.54 20.00
CA HIS B 188 -11.35 12.61 19.01
C HIS B 188 -11.21 12.18 17.56
N PHE B 189 -11.85 11.07 17.18
CA PHE B 189 -11.81 10.66 15.77
C PHE B 189 -12.82 11.45 14.96
N ASP B 190 -12.33 12.21 13.99
CA ASP B 190 -13.22 12.90 13.05
C ASP B 190 -12.47 13.01 11.72
N GLN B 191 -12.92 12.25 10.73
CA GLN B 191 -12.17 12.14 9.48
C GLN B 191 -12.14 13.44 8.70
N TRP B 192 -13.06 14.37 9.00
CA TRP B 192 -13.10 15.64 8.28
C TRP B 192 -12.48 16.81 9.05
N THR B 193 -12.02 16.58 10.28
CA THR B 193 -11.31 17.64 11.01
C THR B 193 -9.81 17.52 10.75
N LEU B 194 -9.21 18.57 10.17
CA LEU B 194 -7.80 18.58 9.90
C LEU B 194 -7.01 18.73 11.19
N PRO B 195 -5.85 18.05 11.26
CA PRO B 195 -4.94 18.38 12.35
C PRO B 195 -4.50 19.84 12.22
N SER B 196 -4.04 20.43 13.32
CA SER B 196 -3.33 21.70 13.25
C SER B 196 -1.88 21.37 13.00
N TYR B 197 -1.43 21.47 11.76
CA TYR B 197 -0.09 20.98 11.40
C TYR B 197 1.05 21.66 12.13
N SER B 198 0.83 22.89 12.59
CA SER B 198 1.87 23.65 13.32
C SER B 198 1.49 23.90 14.77
N GLY B 199 0.50 23.18 15.26
CA GLY B 199 0.05 23.42 16.62
C GLY B 199 -1.21 24.26 16.69
N ALA B 200 -1.86 24.22 17.86
CA ALA B 200 -3.25 24.64 18.00
C ALA B 200 -3.57 26.11 17.66
N LEU B 201 -2.64 27.01 17.91
CA LEU B 201 -2.93 28.44 17.75
C LEU B 201 -2.52 28.96 16.38
N THR B 202 -2.11 28.06 15.48
CA THR B 202 -1.50 28.45 14.22
C THR B 202 -2.36 27.96 13.06
N LEU B 203 -2.50 28.80 12.03
CA LEU B 203 -3.31 28.47 10.87
C LEU B 203 -2.63 27.47 9.94
N ASN B 204 -3.36 26.48 9.47
CA ASN B 204 -2.81 25.61 8.42
C ASN B 204 -2.65 26.39 7.15
N MET B 205 -1.68 26.00 6.34
CA MET B 205 -1.32 26.76 5.16
C MET B 205 -1.18 25.84 3.96
N ASN B 206 -1.34 26.40 2.76
CA ASN B 206 -1.05 25.63 1.53
C ASN B 206 -1.99 24.46 1.34
N LEU B 207 -3.23 24.60 1.84
CA LEU B 207 -4.18 23.50 1.78
C LEU B 207 -4.77 23.27 0.40
N ALA B 208 -5.00 22.01 0.06
CA ALA B 208 -5.88 21.69 -1.04
C ALA B 208 -7.28 22.23 -0.70
N PRO B 209 -8.00 22.71 -1.71
CA PRO B 209 -9.30 23.37 -1.44
C PRO B 209 -10.39 22.43 -0.93
N SER B 210 -11.38 22.99 -0.25
CA SER B 210 -12.53 22.19 0.15
C SER B 210 -13.30 21.81 -1.11
N VAL B 211 -14.07 20.73 -1.03
CA VAL B 211 -14.89 20.25 -2.14
C VAL B 211 -16.35 20.09 -1.73
N ALA B 212 -17.25 20.37 -2.66
CA ALA B 212 -18.69 20.31 -2.41
C ALA B 212 -19.44 20.27 -3.73
N PRO B 213 -20.67 19.74 -3.72
CA PRO B 213 -21.52 19.84 -4.91
C PRO B 213 -22.04 21.28 -5.03
N VAL B 214 -22.37 21.71 -6.24
CA VAL B 214 -22.87 23.08 -6.43
C VAL B 214 -24.23 23.06 -7.12
N PHE B 215 -24.71 21.86 -7.42
CA PHE B 215 -25.97 21.67 -8.10
C PHE B 215 -26.93 21.08 -7.08
N PRO B 216 -28.15 21.62 -6.99
CA PRO B 216 -29.12 21.05 -6.07
C PRO B 216 -29.40 19.57 -6.36
N GLY B 217 -29.46 18.77 -5.31
CA GLY B 217 -29.76 17.35 -5.49
C GLY B 217 -28.51 16.51 -5.68
N GLU B 218 -27.37 17.17 -5.82
CA GLU B 218 -26.10 16.42 -5.91
C GLU B 218 -25.41 16.34 -4.56
N CYS B 219 -24.61 15.28 -4.42
CA CYS B 219 -23.83 15.08 -3.22
C CYS B 219 -22.48 14.50 -3.62
N LEU B 220 -21.51 14.56 -2.71
CA LEU B 220 -20.21 13.92 -2.95
C LEU B 220 -20.33 12.38 -3.02
N LEU B 221 -19.53 11.76 -3.88
CA LEU B 221 -19.42 10.31 -3.92
C LEU B 221 -18.02 9.95 -3.44
N PHE B 222 -17.94 9.06 -2.47
CA PHE B 222 -16.65 8.70 -1.84
C PHE B 222 -16.26 7.26 -2.12
N PHE B 223 -14.96 7.02 -2.10
CA PHE B 223 -14.44 5.66 -2.05
C PHE B 223 -14.13 5.32 -0.59
N ARG B 224 -14.93 4.44 -0.02
CA ARG B 224 -14.89 4.16 1.41
C ARG B 224 -14.12 2.89 1.75
N SER B 225 -13.29 2.98 2.78
CA SER B 225 -12.61 1.83 3.37
C SER B 225 -12.88 1.76 4.85
N PHE B 226 -13.13 0.56 5.37
CA PHE B 226 -13.20 0.34 6.80
C PHE B 226 -11.81 0.17 7.42
N ILE B 227 -11.59 0.89 8.50
CA ILE B 227 -10.25 0.99 9.09
C ILE B 227 -10.17 0.15 10.35
N PRO B 228 -9.11 -0.65 10.51
CA PRO B 228 -8.98 -1.49 11.71
C PRO B 228 -8.94 -0.69 13.01
N LEU B 229 -9.39 -1.32 14.08
CA LEU B 229 -9.47 -0.70 15.39
C LEU B 229 -8.74 -1.59 16.39
N LYS B 230 -7.91 -0.96 17.22
CA LYS B 230 -7.12 -1.65 18.22
C LYS B 230 -7.99 -2.25 19.34
N GLY B 231 -9.07 -1.56 19.68
CA GLY B 231 -10.01 -2.06 20.67
C GLY B 231 -11.26 -1.23 20.70
N GLY B 232 -12.23 -1.69 21.47
CA GLY B 232 -13.50 -1.00 21.64
C GLY B 232 -14.54 -1.37 20.60
N TYR B 233 -15.71 -0.76 20.73
CA TYR B 233 -16.79 -0.98 19.77
C TYR B 233 -16.73 0.09 18.71
N GLY B 234 -17.07 -0.28 17.48
CA GLY B 234 -16.99 0.65 16.38
C GLY B 234 -16.85 -0.02 15.04
N ASN B 235 -17.26 0.70 14.01
CA ASN B 235 -17.03 0.25 12.64
C ASN B 235 -16.54 1.44 11.83
N PRO B 236 -15.39 2.02 12.23
CA PRO B 236 -14.92 3.24 11.58
C PRO B 236 -14.51 3.07 10.12
N ALA B 237 -14.69 4.15 9.38
CA ALA B 237 -14.38 4.17 7.94
C ALA B 237 -13.61 5.44 7.60
N ILE B 238 -12.83 5.38 6.52
CA ILE B 238 -12.14 6.54 5.98
C ILE B 238 -12.59 6.67 4.53
N ASP B 239 -13.09 7.84 4.17
CA ASP B 239 -13.62 8.09 2.83
C ASP B 239 -12.66 8.95 2.03
N CYS B 240 -12.25 8.50 0.85
CA CYS B 240 -11.40 9.34 0.01
C CYS B 240 -12.12 9.81 -1.24
N LEU B 241 -11.60 10.89 -1.82
CA LEU B 241 -12.27 11.53 -2.95
C LEU B 241 -11.95 10.77 -4.22
N MET B 242 -10.73 10.25 -4.28
CA MET B 242 -10.27 9.43 -5.40
C MET B 242 -9.31 8.39 -4.83
N PRO B 243 -9.34 7.17 -5.37
CA PRO B 243 -8.38 6.18 -4.90
C PRO B 243 -6.93 6.52 -5.28
N GLN B 244 -5.99 5.89 -4.59
CA GLN B 244 -4.59 6.16 -4.85
C GLN B 244 -4.17 5.87 -6.30
N GLU B 245 -4.75 4.84 -6.92
CA GLU B 245 -4.41 4.49 -8.30
C GLU B 245 -4.87 5.59 -9.26
N TRP B 246 -5.93 6.30 -8.89
CA TRP B 246 -6.34 7.43 -9.72
C TRP B 246 -5.34 8.57 -9.63
N VAL B 247 -4.89 8.88 -8.42
CA VAL B 247 -3.87 9.91 -8.21
C VAL B 247 -2.65 9.53 -9.05
N GLN B 248 -2.24 8.27 -8.96
CA GLN B 248 -1.07 7.82 -9.70
C GLN B 248 -1.25 7.96 -11.22
N HIS B 249 -2.44 7.63 -11.69
CA HIS B 249 -2.75 7.68 -13.11
C HIS B 249 -2.74 9.13 -13.62
N LEU B 250 -3.48 9.99 -12.94
CA LEU B 250 -3.60 11.39 -13.35
C LEU B 250 -2.23 12.08 -13.38
N TYR B 251 -1.39 11.78 -12.40
CA TYR B 251 -0.05 12.34 -12.34
C TYR B 251 0.76 11.92 -13.57
N GLN B 252 0.69 10.63 -13.90
CA GLN B 252 1.36 10.07 -15.08
C GLN B 252 0.90 10.72 -16.36
N GLU B 253 -0.42 10.79 -16.52
CA GLU B 253 -1.05 11.24 -17.77
C GLU B 253 -0.96 12.74 -17.98
N SER B 254 -1.24 13.51 -16.92
CA SER B 254 -1.30 14.96 -17.01
C SER B 254 -2.02 15.42 -18.28
N ALA B 255 -3.18 14.83 -18.54
CA ALA B 255 -3.98 15.23 -19.70
C ALA B 255 -4.64 16.58 -19.41
N PRO B 256 -4.65 17.47 -20.42
CA PRO B 256 -5.33 18.76 -20.29
C PRO B 256 -6.81 18.62 -19.93
N SER B 257 -7.27 19.42 -18.98
CA SER B 257 -8.69 19.45 -18.62
C SER B 257 -9.42 20.36 -19.61
N LEU B 258 -10.42 19.83 -20.30
CA LEU B 258 -11.09 20.62 -21.34
C LEU B 258 -12.30 21.43 -20.86
N SER B 259 -12.77 21.10 -19.66
CA SER B 259 -13.78 21.90 -18.97
C SER B 259 -13.59 21.68 -17.48
N ASP B 260 -14.45 22.24 -16.66
CA ASP B 260 -14.30 22.09 -15.22
C ASP B 260 -14.95 20.82 -14.68
N VAL B 261 -15.67 20.11 -15.55
CA VAL B 261 -16.44 18.95 -15.12
C VAL B 261 -16.41 17.85 -16.16
N ALA B 262 -15.92 16.67 -15.79
CA ALA B 262 -15.98 15.52 -16.68
C ALA B 262 -17.15 14.61 -16.33
N LEU B 263 -17.81 14.08 -17.35
CA LEU B 263 -18.87 13.10 -17.15
C LEU B 263 -18.26 11.70 -17.19
N VAL B 264 -18.50 10.92 -16.14
CA VAL B 264 -18.01 9.55 -16.13
C VAL B 264 -19.19 8.60 -15.86
N ARG B 265 -19.07 7.37 -16.35
CA ARG B 265 -20.11 6.37 -16.21
C ARG B 265 -19.58 5.15 -15.50
N TYR B 266 -20.36 4.63 -14.56
CA TYR B 266 -20.00 3.42 -13.86
C TYR B 266 -20.59 2.27 -14.64
N VAL B 267 -19.74 1.47 -15.26
CA VAL B 267 -20.19 0.47 -16.19
C VAL B 267 -19.95 -0.96 -15.70
N ASN B 268 -20.86 -1.84 -16.09
CA ASN B 268 -20.71 -3.27 -15.92
C ASN B 268 -20.15 -3.83 -17.23
N PRO B 269 -18.87 -4.22 -17.22
CA PRO B 269 -18.20 -4.70 -18.43
C PRO B 269 -18.87 -5.92 -19.05
N GLU B 270 -19.45 -6.79 -18.21
CA GLU B 270 -20.19 -7.95 -18.70
C GLU B 270 -21.27 -7.54 -19.68
N THR B 271 -22.23 -6.77 -19.19
CA THR B 271 -23.39 -6.38 -19.97
C THR B 271 -23.15 -5.13 -20.79
N GLY B 272 -22.11 -4.37 -20.42
CA GLY B 272 -21.82 -3.11 -21.07
C GLY B 272 -22.78 -2.03 -20.61
N ARG B 273 -23.64 -2.39 -19.66
CA ARG B 273 -24.63 -1.45 -19.14
C ARG B 273 -24.03 -0.43 -18.17
N THR B 274 -24.51 0.80 -18.28
CA THR B 274 -24.15 1.84 -17.34
C THR B 274 -25.07 1.76 -16.12
N LEU B 275 -24.48 1.63 -14.95
CA LEU B 275 -25.25 1.55 -13.72
C LEU B 275 -25.66 2.93 -13.20
N PHE B 276 -24.78 3.90 -13.36
CA PHE B 276 -25.08 5.29 -12.99
C PHE B 276 -24.00 6.18 -13.57
N GLU B 277 -24.24 7.49 -13.60
CA GLU B 277 -23.19 8.42 -14.05
C GLU B 277 -22.83 9.39 -12.93
N ALA B 278 -21.66 10.01 -13.03
CA ALA B 278 -21.20 10.96 -12.01
C ALA B 278 -20.45 12.09 -12.68
N LYS B 279 -20.35 13.21 -11.97
CA LYS B 279 -19.52 14.32 -12.39
C LYS B 279 -18.16 14.16 -11.73
N LEU B 280 -17.10 14.18 -12.53
CA LEU B 280 -15.75 14.20 -11.98
C LEU B 280 -15.20 15.61 -12.15
N HIS B 281 -15.07 16.31 -11.04
CA HIS B 281 -14.71 17.73 -11.03
C HIS B 281 -13.20 17.94 -11.20
N ARG B 282 -12.85 19.05 -11.85
CA ARG B 282 -11.46 19.43 -12.14
C ARG B 282 -10.54 19.29 -10.94
N ASN B 283 -11.03 19.69 -9.76
CA ASN B 283 -10.19 19.65 -8.56
C ASN B 283 -9.96 18.24 -8.02
N GLY B 284 -10.65 17.26 -8.61
CA GLY B 284 -10.40 15.86 -8.28
C GLY B 284 -11.35 15.26 -7.26
N PHE B 285 -12.64 15.26 -7.57
CA PHE B 285 -13.67 14.65 -6.72
C PHE B 285 -14.93 14.38 -7.52
N LEU B 286 -15.80 13.52 -6.99
CA LEU B 286 -17.01 13.11 -7.69
C LEU B 286 -18.27 13.61 -7.01
N THR B 287 -19.27 13.98 -7.82
CA THR B 287 -20.60 14.12 -7.29
C THR B 287 -21.59 13.26 -8.08
N VAL B 288 -22.70 12.92 -7.44
CA VAL B 288 -23.77 12.17 -8.09
C VAL B 288 -25.10 12.77 -7.65
N ALA B 289 -26.13 12.47 -8.42
CA ALA B 289 -27.48 12.87 -8.06
C ALA B 289 -28.11 11.75 -7.26
N ARG B 290 -27.98 11.81 -5.95
CA ARG B 290 -28.51 10.78 -5.07
C ARG B 290 -29.04 11.48 -3.82
N ASN B 291 -30.21 11.04 -3.34
CA ASN B 291 -30.82 11.69 -2.19
C ASN B 291 -30.80 10.83 -0.93
N SER B 292 -29.81 9.94 -0.86
CA SER B 292 -29.72 9.05 0.29
C SER B 292 -28.28 8.89 0.71
N ALA B 293 -28.09 8.37 1.91
CA ALA B 293 -26.77 8.07 2.44
C ALA B 293 -26.55 6.57 2.43
N GLY B 294 -25.30 6.15 2.46
CA GLY B 294 -24.99 4.75 2.58
C GLY B 294 -24.21 4.23 1.38
N PRO B 295 -23.92 2.93 1.38
CA PRO B 295 -23.17 2.32 0.29
C PRO B 295 -23.94 2.38 -1.02
N VAL B 296 -23.21 2.36 -2.12
CA VAL B 296 -23.79 2.12 -3.42
C VAL B 296 -23.68 0.62 -3.66
N VAL B 297 -24.80 -0.03 -3.90
CA VAL B 297 -24.81 -1.46 -4.17
C VAL B 297 -24.54 -1.66 -5.64
N ALA B 298 -23.34 -2.12 -5.97
N ALA B 298 -23.32 -2.12 -5.94
CA ALA B 298 -22.96 -2.26 -7.37
CA ALA B 298 -22.89 -2.37 -7.30
C ALA B 298 -22.18 -3.53 -7.61
C ALA B 298 -21.82 -3.45 -7.25
N PRO B 299 -22.35 -4.14 -8.81
N PRO B 299 -21.63 -4.18 -8.36
CA PRO B 299 -21.67 -5.39 -9.14
CA PRO B 299 -20.63 -5.24 -8.45
C PRO B 299 -20.16 -5.28 -8.95
C PRO B 299 -19.19 -4.71 -8.37
N THR B 300 -19.52 -6.41 -8.70
N THR B 300 -18.30 -5.42 -7.68
CA THR B 300 -18.09 -6.45 -8.39
CA THR B 300 -16.93 -4.94 -7.49
C THR B 300 -17.21 -6.11 -9.59
C THR B 300 -16.10 -4.86 -8.76
N ASN B 301 -17.76 -6.24 -10.80
N ASN B 301 -16.53 -5.58 -9.80
CA ASN B 301 -16.95 -6.01 -12.00
CA ASN B 301 -15.86 -5.58 -11.09
C ASN B 301 -17.00 -4.58 -12.54
C ASN B 301 -16.33 -4.45 -12.01
N GLY B 302 -17.80 -3.73 -11.92
N GLY B 302 -17.27 -3.64 -11.52
CA GLY B 302 -17.96 -2.36 -12.37
CA GLY B 302 -17.71 -2.49 -12.27
C GLY B 302 -16.72 -1.47 -12.21
C GLY B 302 -16.65 -1.42 -12.16
N TYR B 303 -16.65 -0.44 -13.05
CA TYR B 303 -15.61 0.59 -12.96
C TYR B 303 -16.04 1.87 -13.67
N PHE B 304 -15.38 2.98 -13.36
CA PHE B 304 -15.68 4.25 -14.02
C PHE B 304 -14.97 4.39 -15.36
N ARG B 305 -15.71 4.86 -16.35
CA ARG B 305 -15.18 5.14 -17.67
C ARG B 305 -15.48 6.60 -18.02
N PHE B 306 -14.47 7.33 -18.51
CA PHE B 306 -14.69 8.69 -18.95
C PHE B 306 -15.60 8.72 -20.18
N ASP B 307 -16.61 9.59 -20.14
CA ASP B 307 -17.56 9.73 -21.24
C ASP B 307 -17.29 10.99 -22.06
N SER B 308 -17.30 12.14 -21.41
CA SER B 308 -17.13 13.41 -22.12
C SER B 308 -16.93 14.55 -21.14
N TRP B 309 -16.49 15.69 -21.67
CA TRP B 309 -16.48 16.89 -20.85
C TRP B 309 -17.84 17.60 -20.86
N VAL B 310 -18.32 18.00 -19.69
CA VAL B 310 -19.58 18.73 -19.60
C VAL B 310 -19.36 20.01 -18.77
N ASN B 311 -20.41 20.55 -18.15
CA ASN B 311 -20.25 21.75 -17.32
C ASN B 311 -21.02 21.71 -16.00
N GLN B 312 -20.85 22.77 -15.20
CA GLN B 312 -21.51 22.82 -13.89
C GLN B 312 -23.03 22.74 -14.01
N PHE B 313 -23.56 23.05 -15.19
CA PHE B 313 -25.01 23.06 -15.41
C PHE B 313 -25.57 21.74 -15.94
N TYR B 314 -24.71 20.75 -16.15
CA TYR B 314 -25.16 19.45 -16.63
C TYR B 314 -25.99 18.75 -15.56
N THR B 315 -27.11 18.15 -15.98
CA THR B 315 -27.97 17.46 -15.03
C THR B 315 -27.71 15.96 -15.04
N LEU B 316 -27.20 15.45 -13.92
CA LEU B 316 -26.94 14.03 -13.81
C LEU B 316 -28.22 13.22 -13.74
N ALA B 317 -28.21 12.09 -14.43
CA ALA B 317 -29.29 11.11 -14.28
C ALA B 317 -29.31 10.66 -12.84
N PRO B 318 -30.49 10.73 -12.21
CA PRO B 318 -30.69 10.33 -10.81
C PRO B 318 -30.31 8.87 -10.54
N MET B 319 -29.70 8.61 -9.39
CA MET B 319 -29.37 7.25 -8.98
C MET B 319 -30.54 6.58 -8.29
C1 NAG C . -9.78 1.96 23.55
C2 NAG C . -8.42 1.44 24.01
C3 NAG C . -8.42 -0.09 24.12
C4 NAG C . -9.66 -0.54 24.91
C5 NAG C . -10.92 0.06 24.31
C6 NAG C . -12.14 -0.38 25.10
C7 NAG C . -6.37 2.71 23.54
C8 NAG C . -6.34 2.97 25.01
N2 NAG C . -7.40 1.96 23.09
O1 NAG C . -9.77 3.36 23.62
O3 NAG C . -7.28 -0.57 24.81
O4 NAG C . -9.73 -1.95 24.86
O5 NAG C . -10.83 1.47 24.35
O6 NAG C . -12.04 0.18 26.38
O7 NAG C . -5.47 3.17 22.83
C1 GAL C . -9.79 -2.59 26.14
C2 GAL C . -10.00 -4.09 25.87
C3 GAL C . -9.97 -4.93 27.16
C4 GAL C . -8.75 -4.58 27.99
C5 GAL C . -8.68 -3.07 28.19
C6 GAL C . -7.45 -2.68 29.01
O2 GAL C . -11.22 -4.34 25.23
O3 GAL C . -9.94 -6.28 26.79
O4 GAL C . -7.57 -5.06 27.37
O5 GAL C . -8.63 -2.40 26.93
O6 GAL C . -7.43 -1.27 29.12
C1 FUC C . -11.14 -4.43 23.79
C2 FUC C . -10.82 -5.85 23.35
C3 FUC C . -11.97 -6.80 23.68
C4 FUC C . -13.30 -6.23 23.16
C5 FUC C . -13.47 -4.79 23.64
C6 FUC C . -14.75 -4.17 23.08
O2 FUC C . -9.67 -6.28 24.06
O3 FUC C . -11.76 -8.07 23.08
O4 FUC C . -13.35 -6.27 21.75
O5 FUC C . -12.35 -4.04 23.21
C1 FUC C . -6.21 -0.93 23.91
C2 FUC C . -4.99 -1.21 24.75
C3 FUC C . -5.27 -2.41 25.65
C4 FUC C . -5.61 -3.60 24.79
C5 FUC C . -6.79 -3.25 23.88
C6 FUC C . -7.11 -4.39 22.91
O2 FUC C . -4.70 -0.10 25.56
O3 FUC C . -4.13 -2.71 26.43
O4 FUC C . -4.47 -3.89 23.99
O5 FUC C . -6.53 -2.06 23.14
C1 EDO D . -5.93 -5.79 2.11
O1 EDO D . -6.07 -5.58 0.70
C2 EDO D . -6.25 -7.23 2.43
O2 EDO D . -6.16 -7.42 3.85
C1 EDO E . 13.08 6.76 -0.19
O1 EDO E . 13.34 7.60 -1.32
C2 EDO E . 12.30 5.53 -0.66
O2 EDO E . 11.00 6.00 -1.07
C1 EDO F . -7.62 -11.25 -5.60
O1 EDO F . -6.61 -11.09 -4.59
C2 EDO F . -9.00 -10.83 -5.06
O2 EDO F . -9.43 -11.76 -4.07
C1 EDO G . 5.53 -14.24 20.42
O1 EDO G . 6.58 -15.10 20.87
C2 EDO G . 5.48 -14.22 18.90
O2 EDO G . 5.61 -15.56 18.42
C1 EDO H . 19.29 -14.34 0.16
O1 EDO H . 18.99 -15.74 0.12
C2 EDO H . 18.96 -13.73 -1.19
O2 EDO H . 19.57 -12.45 -1.35
C1 EDO I . 1.26 4.34 -12.22
O1 EDO I . 1.62 3.92 -10.89
C2 EDO I . 1.57 3.23 -13.22
O2 EDO I . 1.24 3.71 -14.53
C1 EDO J . 19.43 -7.30 20.31
O1 EDO J . 18.70 -8.52 20.04
C2 EDO J . 19.81 -6.62 19.01
O2 EDO J . 18.65 -6.00 18.42
C1 EDO K . 13.95 2.18 4.78
O1 EDO K . 15.27 1.97 4.24
C2 EDO K . 13.00 2.45 3.62
O2 EDO K . 13.19 3.78 3.13
C1 EDO L . -11.49 -3.20 9.34
O1 EDO L . -10.46 -4.11 8.92
C2 EDO L . -12.73 -3.96 9.78
O2 EDO L . -13.41 -4.49 8.63
C1 EDO M . -12.54 -4.85 5.58
O1 EDO M . -13.77 -4.19 5.29
C2 EDO M . -11.51 -4.48 4.52
O2 EDO M . -11.79 -5.14 3.28
C1 EDO N . 13.64 -20.99 -5.65
O1 EDO N . 14.86 -21.18 -4.92
C2 EDO N . 12.83 -22.27 -5.68
O2 EDO N . 12.44 -22.62 -7.01
C1 EDO O . 5.38 -7.87 23.33
O1 EDO O . 6.44 -8.58 23.97
C2 EDO O . 5.91 -7.26 22.04
O2 EDO O . 7.16 -6.62 22.32
C1 EDO P . -5.61 -8.96 -9.20
O1 EDO P . -5.69 -7.90 -8.25
C2 EDO P . -6.41 -8.60 -10.46
O2 EDO P . -7.79 -8.43 -10.13
C1 EDO Q . 19.36 -10.52 2.47
O1 EDO Q . 18.85 -9.69 3.52
C2 EDO Q . 18.42 -10.49 1.26
O2 EDO Q . 17.25 -11.21 1.60
C1 EDO R . 1.03 -0.98 2.55
C1 EDO R . 0.74 -0.26 2.41
O1 EDO R . 2.14 -0.15 2.93
O1 EDO R . -0.24 -1.29 2.59
C2 EDO R . 0.52 -0.50 1.19
C2 EDO R . 0.75 0.07 0.92
O2 EDO R . 1.56 0.28 0.59
O2 EDO R . -0.54 -0.31 0.43
N1 IMD S . -2.26 -15.57 -11.30
C2 IMD S . -3.49 -15.31 -11.81
N3 IMD S . -3.87 -14.08 -11.39
C4 IMD S . -2.89 -13.55 -10.62
C5 IMD S . -1.87 -14.49 -10.57
C1 EDO T . 7.63 5.54 4.24
O1 EDO T . 7.94 5.08 5.55
C2 EDO T . 7.40 4.36 3.33
O2 EDO T . 7.19 4.85 2.00
C1 EDO U . 15.00 -0.62 7.82
O1 EDO U . 15.74 0.35 7.06
C2 EDO U . 13.57 -0.71 7.31
O2 EDO U . 12.84 0.50 7.57
C1 EDO V . 1.40 17.73 -2.79
O1 EDO V . 2.44 17.01 -3.46
C2 EDO V . 1.73 19.21 -2.88
O2 EDO V . 2.60 19.38 -4.01
C1 EDO W . 9.41 12.31 -0.73
O1 EDO W . 10.05 12.76 0.47
C2 EDO W . 8.02 12.95 -0.86
O2 EDO W . 7.07 12.34 0.03
C1 EDO X . 5.37 28.36 3.96
O1 EDO X . 4.43 27.30 4.15
C2 EDO X . 5.14 29.02 2.59
O2 EDO X . 3.79 28.80 2.14
C1 EDO Y . -0.09 3.68 25.38
O1 EDO Y . -1.17 3.63 26.33
C2 EDO Y . -0.65 4.05 24.01
O2 EDO Y . -1.31 5.32 24.08
C1 EDO Z . -2.71 1.78 -12.39
O1 EDO Z . -2.81 1.68 -10.96
C2 EDO Z . -3.19 3.16 -12.82
O2 EDO Z . -2.63 4.13 -11.93
#